data_1GS0
#
_entry.id   1GS0
#
_cell.length_a   83.650
_cell.length_b   85.820
_cell.length_c   139.460
_cell.angle_alpha   90.00
_cell.angle_beta   90.00
_cell.angle_gamma   90.00
#
_symmetry.space_group_name_H-M   'P 21 21 21'
#
loop_
_entity.id
_entity.type
_entity.pdbx_description
1 polymer 'POLY (ADP-RIBOSE) POLYMERASE-2'
2 water water
#
_entity_poly.entity_id   1
_entity_poly.type   'polypeptide(L)'
_entity_poly.pdbx_seq_one_letter_code
;ESQLDLRVQELLKLICNVQTMEEMMIEMKYDTKRAPLGKLTVAQIKAGYQSLKKIEDCIRAGQHGRALVEACNEFYTRIP
HDFGLSIPPVIRTEKELSDKVKLLEALGDIEIALKLVKSERQGLEHPLDQHYRNLHCALRPLDHESNEFKVISQYLQSTH
APTHKDYTMTLLDVFEVEKEGEKEAFREDLPNRMLLWHGSRLSNWVGILSHGLRVAPPEAPITGYMFGKGIYFADMSSKS
ANYCFASRLKNTGLLLLSEVALGQCNELLEANPKAQGLLRGKHSTKGMGKMAPSPAHFITLNGSTVPLGPASDTGILNPE
GYTLNYNEFIVYSPNQVRMRYLLKIQFNFLQ
;
_entity_poly.pdbx_strand_id   A,B
#
# COMPACT_ATOMS: atom_id res chain seq x y z
N GLU A 1 -34.93 -36.31 -17.48
CA GLU A 1 -34.07 -35.08 -17.55
C GLU A 1 -34.65 -33.89 -16.77
N SER A 2 -33.76 -32.98 -16.35
CA SER A 2 -34.15 -31.76 -15.61
C SER A 2 -33.25 -30.56 -15.95
N GLN A 3 -33.78 -29.36 -15.73
CA GLN A 3 -33.06 -28.12 -16.05
C GLN A 3 -32.71 -27.14 -14.94
N LEU A 4 -31.52 -26.55 -15.10
CA LEU A 4 -30.91 -25.56 -14.22
C LEU A 4 -30.00 -24.80 -15.17
N ASP A 5 -29.85 -23.49 -14.98
CA ASP A 5 -28.97 -22.74 -15.88
C ASP A 5 -27.74 -23.59 -16.17
N LEU A 6 -27.27 -23.61 -17.41
CA LEU A 6 -26.11 -24.42 -17.77
C LEU A 6 -24.87 -24.18 -16.90
N ARG A 7 -24.68 -22.95 -16.45
CA ARG A 7 -23.55 -22.62 -15.60
C ARG A 7 -23.61 -23.43 -14.30
N VAL A 8 -24.76 -23.41 -13.66
CA VAL A 8 -24.97 -24.13 -12.41
C VAL A 8 -24.83 -25.62 -12.65
N GLN A 9 -25.12 -26.04 -13.87
CA GLN A 9 -25.01 -27.44 -14.22
C GLN A 9 -23.51 -27.76 -14.29
N GLU A 10 -22.77 -26.92 -15.01
CA GLU A 10 -21.33 -27.10 -15.15
C GLU A 10 -20.69 -27.19 -13.77
N LEU A 11 -20.94 -26.17 -12.96
CA LEU A 11 -20.41 -26.10 -11.61
C LEU A 11 -20.63 -27.40 -10.84
N LEU A 12 -21.85 -27.90 -10.84
CA LEU A 12 -22.14 -29.13 -10.12
C LEU A 12 -21.40 -30.34 -10.69
N LYS A 13 -21.33 -30.43 -12.01
CA LYS A 13 -20.65 -31.55 -12.63
C LYS A 13 -19.19 -31.55 -12.18
N LEU A 14 -18.66 -30.34 -11.99
CA LEU A 14 -17.28 -30.17 -11.57
C LEU A 14 -17.04 -30.67 -10.14
N ILE A 15 -17.80 -30.13 -9.20
CA ILE A 15 -17.64 -30.51 -7.80
C ILE A 15 -18.29 -31.81 -7.38
N CYS A 16 -19.07 -32.41 -8.26
CA CYS A 16 -19.75 -33.67 -7.92
C CYS A 16 -19.01 -34.87 -8.47
N ASN A 17 -18.08 -34.61 -9.37
CA ASN A 17 -17.29 -35.66 -10.00
C ASN A 17 -16.63 -36.56 -8.96
N VAL A 18 -17.01 -37.83 -8.94
CA VAL A 18 -16.44 -38.79 -7.98
C VAL A 18 -15.02 -39.19 -8.37
N GLN A 19 -14.70 -39.11 -9.65
CA GLN A 19 -13.37 -39.44 -10.10
C GLN A 19 -12.41 -38.48 -9.42
N THR A 20 -12.58 -37.19 -9.69
CA THR A 20 -11.72 -36.17 -9.11
C THR A 20 -11.57 -36.36 -7.59
N MET A 21 -12.64 -36.78 -6.92
CA MET A 21 -12.59 -37.02 -5.49
C MET A 21 -11.57 -38.09 -5.19
N GLU A 22 -11.59 -39.13 -6.01
CA GLU A 22 -10.66 -40.24 -5.86
C GLU A 22 -9.27 -39.69 -6.11
N GLU A 23 -9.08 -39.03 -7.24
CA GLU A 23 -7.80 -38.45 -7.60
C GLU A 23 -7.21 -37.64 -6.46
N MET A 24 -8.00 -36.73 -5.91
CA MET A 24 -7.57 -35.87 -4.82
C MET A 24 -7.00 -36.64 -3.62
N MET A 25 -7.69 -37.68 -3.17
CA MET A 25 -7.21 -38.46 -2.04
C MET A 25 -5.92 -39.16 -2.37
N ILE A 26 -5.85 -39.74 -3.57
CA ILE A 26 -4.64 -40.43 -4.01
C ILE A 26 -3.49 -39.43 -3.99
N GLU A 27 -3.73 -38.26 -4.53
CA GLU A 27 -2.72 -37.24 -4.56
C GLU A 27 -2.30 -36.86 -3.14
N MET A 28 -3.06 -37.33 -2.16
CA MET A 28 -2.74 -37.02 -0.77
C MET A 28 -2.13 -38.22 -0.08
N LYS A 29 -1.70 -39.19 -0.88
CA LYS A 29 -1.07 -40.40 -0.38
C LYS A 29 -2.02 -41.28 0.39
N TYR A 30 -3.31 -41.13 0.15
CA TYR A 30 -4.30 -41.94 0.83
C TYR A 30 -4.55 -43.20 0.01
N ASP A 31 -4.58 -44.35 0.68
CA ASP A 31 -4.78 -45.62 0.00
C ASP A 31 -6.25 -45.96 -0.28
N THR A 32 -6.73 -45.55 -1.44
CA THR A 32 -8.10 -45.79 -1.84
C THR A 32 -8.35 -47.25 -2.18
N LYS A 33 -7.30 -47.94 -2.59
CA LYS A 33 -7.42 -49.34 -2.93
C LYS A 33 -7.69 -50.16 -1.68
N ARG A 34 -6.76 -50.15 -0.74
CA ARG A 34 -6.92 -50.91 0.49
C ARG A 34 -7.98 -50.33 1.45
N ALA A 35 -8.59 -49.23 1.06
CA ALA A 35 -9.62 -48.61 1.90
C ALA A 35 -10.56 -47.75 1.05
N PRO A 36 -11.29 -48.39 0.13
CA PRO A 36 -12.25 -47.74 -0.77
C PRO A 36 -12.96 -46.56 -0.12
N LEU A 37 -13.07 -45.45 -0.85
CA LEU A 37 -13.73 -44.28 -0.30
C LEU A 37 -15.19 -44.55 -0.03
N GLY A 38 -15.83 -45.29 -0.95
CA GLY A 38 -17.24 -45.62 -0.83
C GLY A 38 -17.62 -46.33 0.45
N LYS A 39 -16.63 -46.80 1.20
CA LYS A 39 -16.91 -47.51 2.44
C LYS A 39 -16.55 -46.65 3.66
N LEU A 40 -15.97 -45.49 3.41
CA LEU A 40 -15.55 -44.55 4.47
C LEU A 40 -16.73 -44.06 5.31
N THR A 41 -16.68 -44.29 6.61
CA THR A 41 -17.75 -43.88 7.51
C THR A 41 -17.31 -42.79 8.46
N VAL A 42 -18.25 -41.96 8.86
CA VAL A 42 -17.98 -40.85 9.76
C VAL A 42 -17.29 -41.29 11.03
N ALA A 43 -17.51 -42.55 11.41
CA ALA A 43 -16.90 -43.08 12.63
C ALA A 43 -15.42 -43.35 12.43
N GLN A 44 -15.07 -43.80 11.23
CA GLN A 44 -13.67 -44.08 10.93
C GLN A 44 -12.86 -42.81 11.03
N ILE A 45 -13.36 -41.74 10.43
CA ILE A 45 -12.70 -40.45 10.46
C ILE A 45 -12.45 -40.05 11.91
N LYS A 46 -13.51 -39.98 12.72
CA LYS A 46 -13.37 -39.62 14.13
C LYS A 46 -12.27 -40.46 14.79
N ALA A 47 -12.12 -41.70 14.33
CA ALA A 47 -11.11 -42.61 14.86
C ALA A 47 -9.73 -42.04 14.57
N GLY A 48 -9.51 -41.68 13.32
CA GLY A 48 -8.23 -41.11 12.91
C GLY A 48 -7.85 -39.88 13.72
N TYR A 49 -8.80 -38.98 13.90
CA TYR A 49 -8.55 -37.76 14.66
C TYR A 49 -8.00 -38.10 16.05
N GLN A 50 -8.61 -39.09 16.67
CA GLN A 50 -8.19 -39.48 18.00
C GLN A 50 -6.78 -40.04 18.01
N SER A 51 -6.41 -40.77 16.96
CA SER A 51 -5.06 -41.32 16.89
C SER A 51 -4.07 -40.16 16.86
N LEU A 52 -4.39 -39.13 16.07
CA LEU A 52 -3.53 -37.98 15.96
C LEU A 52 -3.34 -37.36 17.34
N LYS A 53 -4.42 -37.19 18.08
CA LYS A 53 -4.33 -36.61 19.42
C LYS A 53 -3.29 -37.38 20.22
N LYS A 54 -3.41 -38.70 20.22
CA LYS A 54 -2.49 -39.55 20.95
C LYS A 54 -1.07 -39.23 20.51
N ILE A 55 -0.89 -39.03 19.22
CA ILE A 55 0.42 -38.69 18.68
C ILE A 55 0.82 -37.32 19.21
N GLU A 56 -0.14 -36.38 19.24
CA GLU A 56 0.15 -35.05 19.74
C GLU A 56 0.55 -35.18 21.19
N ASP A 57 -0.07 -36.12 21.88
CA ASP A 57 0.24 -36.34 23.29
C ASP A 57 1.70 -36.73 23.46
N CYS A 58 2.15 -37.69 22.65
CA CYS A 58 3.55 -38.13 22.71
C CYS A 58 4.48 -36.95 22.42
N ILE A 59 4.32 -36.33 21.25
CA ILE A 59 5.15 -35.19 20.89
C ILE A 59 5.19 -34.18 22.03
N ARG A 60 4.01 -33.96 22.64
CA ARG A 60 3.90 -33.03 23.74
C ARG A 60 4.80 -33.45 24.90
N ALA A 61 4.71 -34.72 25.27
CA ALA A 61 5.52 -35.27 26.37
C ALA A 61 6.92 -35.70 25.97
N GLY A 62 7.41 -35.20 24.83
CA GLY A 62 8.73 -35.57 24.37
C GLY A 62 8.97 -37.07 24.22
N GLN A 63 7.91 -37.85 24.13
CA GLN A 63 8.04 -39.28 23.98
C GLN A 63 8.13 -39.68 22.51
N HIS A 64 9.35 -39.76 21.99
CA HIS A 64 9.54 -40.14 20.60
C HIS A 64 9.95 -41.61 20.51
N GLY A 65 9.61 -42.37 21.54
CA GLY A 65 9.96 -43.77 21.58
C GLY A 65 8.86 -44.70 21.10
N ARG A 66 8.76 -45.87 21.72
CA ARG A 66 7.78 -46.87 21.34
C ARG A 66 6.37 -46.31 21.44
N ALA A 67 6.15 -45.46 22.43
CA ALA A 67 4.85 -44.85 22.63
C ALA A 67 4.39 -44.20 21.34
N LEU A 68 5.26 -43.38 20.76
CA LEU A 68 4.92 -42.68 19.52
C LEU A 68 4.73 -43.65 18.37
N VAL A 69 5.70 -44.54 18.20
CA VAL A 69 5.67 -45.52 17.12
C VAL A 69 4.36 -46.30 17.09
N GLU A 70 3.90 -46.72 18.27
CA GLU A 70 2.65 -47.46 18.35
C GLU A 70 1.47 -46.58 17.95
N ALA A 71 1.54 -45.30 18.31
CA ALA A 71 0.47 -44.36 17.99
C ALA A 71 0.38 -44.14 16.49
N CYS A 72 1.53 -44.05 15.82
CA CYS A 72 1.51 -43.86 14.38
C CYS A 72 0.94 -45.12 13.72
N ASN A 73 1.43 -46.27 14.14
CA ASN A 73 0.94 -47.52 13.59
C ASN A 73 -0.58 -47.57 13.70
N GLU A 74 -1.09 -47.20 14.87
CA GLU A 74 -2.52 -47.20 15.08
C GLU A 74 -3.17 -46.33 14.02
N PHE A 75 -2.72 -45.09 13.93
CA PHE A 75 -3.25 -44.14 12.97
C PHE A 75 -3.12 -44.58 11.51
N TYR A 76 -1.94 -45.06 11.12
CA TYR A 76 -1.73 -45.48 9.74
C TYR A 76 -2.62 -46.66 9.39
N THR A 77 -3.06 -47.35 10.45
CA THR A 77 -3.94 -48.48 10.31
C THR A 77 -5.34 -47.89 10.10
N ARG A 78 -5.74 -47.01 11.01
CA ARG A 78 -7.03 -46.35 10.95
C ARG A 78 -7.20 -45.59 9.62
N ILE A 79 -6.18 -44.84 9.20
CA ILE A 79 -6.22 -44.08 7.97
C ILE A 79 -5.11 -44.52 7.03
N PRO A 80 -5.35 -45.61 6.27
CA PRO A 80 -4.41 -46.22 5.32
C PRO A 80 -3.75 -45.26 4.32
N HIS A 81 -2.43 -45.22 4.33
CA HIS A 81 -1.67 -44.38 3.41
C HIS A 81 -0.99 -45.29 2.38
N ASP A 82 -0.78 -44.78 1.17
CA ASP A 82 -0.11 -45.55 0.13
C ASP A 82 1.28 -44.99 -0.10
N PHE A 83 2.28 -45.63 0.50
CA PHE A 83 3.67 -45.21 0.35
C PHE A 83 4.39 -46.16 -0.58
N GLY A 84 3.64 -47.09 -1.16
CA GLY A 84 4.26 -48.06 -2.04
C GLY A 84 4.97 -49.06 -1.16
N LEU A 85 6.28 -49.17 -1.34
CA LEU A 85 7.07 -50.10 -0.55
C LEU A 85 7.80 -49.37 0.56
N SER A 86 7.85 -48.05 0.46
CA SER A 86 8.54 -47.24 1.44
C SER A 86 8.01 -47.44 2.84
N ILE A 87 8.86 -47.13 3.83
CA ILE A 87 8.50 -47.25 5.23
C ILE A 87 7.84 -45.96 5.68
N PRO A 88 6.59 -46.04 6.17
CA PRO A 88 5.83 -44.88 6.64
C PRO A 88 6.59 -44.01 7.61
N PRO A 89 6.43 -42.68 7.49
CA PRO A 89 7.12 -41.75 8.38
C PRO A 89 6.46 -41.73 9.76
N VAL A 90 7.28 -41.61 10.79
CA VAL A 90 6.76 -41.51 12.14
C VAL A 90 6.44 -40.05 12.38
N ILE A 91 5.16 -39.73 12.42
CA ILE A 91 4.71 -38.36 12.64
C ILE A 91 5.27 -37.86 13.96
N ARG A 92 6.07 -36.81 13.93
CA ARG A 92 6.65 -36.31 15.17
C ARG A 92 6.84 -34.80 15.18
N THR A 93 6.06 -34.10 14.37
CA THR A 93 6.13 -32.64 14.31
C THR A 93 4.74 -32.05 14.15
N GLU A 94 4.57 -30.84 14.63
CA GLU A 94 3.29 -30.16 14.54
C GLU A 94 2.90 -29.94 13.09
N LYS A 95 3.86 -29.51 12.28
CA LYS A 95 3.60 -29.23 10.87
C LYS A 95 2.97 -30.45 10.18
N GLU A 96 3.46 -31.63 10.54
CA GLU A 96 2.94 -32.85 9.96
C GLU A 96 1.55 -33.17 10.50
N LEU A 97 1.31 -32.87 11.78
CA LEU A 97 0.00 -33.09 12.35
C LEU A 97 -0.97 -32.27 11.53
N SER A 98 -0.57 -31.03 11.26
CA SER A 98 -1.38 -30.10 10.52
C SER A 98 -1.75 -30.65 9.15
N ASP A 99 -0.82 -31.37 8.52
CA ASP A 99 -1.12 -31.90 7.20
C ASP A 99 -2.08 -33.07 7.28
N LYS A 100 -1.92 -33.90 8.29
CA LYS A 100 -2.80 -35.03 8.47
C LYS A 100 -4.20 -34.56 8.86
N VAL A 101 -4.28 -33.40 9.51
CA VAL A 101 -5.57 -32.86 9.88
C VAL A 101 -6.29 -32.42 8.62
N LYS A 102 -5.54 -31.87 7.68
CA LYS A 102 -6.13 -31.42 6.44
C LYS A 102 -6.58 -32.60 5.59
N LEU A 103 -5.93 -33.74 5.78
CA LEU A 103 -6.29 -34.97 5.06
C LEU A 103 -7.63 -35.49 5.58
N LEU A 104 -7.75 -35.57 6.91
CA LEU A 104 -8.98 -36.02 7.52
C LEU A 104 -10.12 -35.08 7.16
N GLU A 105 -9.82 -33.79 7.07
CA GLU A 105 -10.83 -32.79 6.74
C GLU A 105 -11.37 -33.05 5.35
N ALA A 106 -10.50 -33.44 4.43
CA ALA A 106 -10.91 -33.72 3.06
C ALA A 106 -11.78 -34.96 3.06
N LEU A 107 -11.34 -35.98 3.78
CA LEU A 107 -12.11 -37.23 3.86
C LEU A 107 -13.50 -36.92 4.40
N GLY A 108 -13.56 -36.00 5.36
CA GLY A 108 -14.84 -35.63 5.94
C GLY A 108 -15.80 -35.09 4.91
N ASP A 109 -15.29 -34.31 3.95
CA ASP A 109 -16.14 -33.74 2.91
C ASP A 109 -16.42 -34.74 1.79
N ILE A 110 -15.54 -35.72 1.63
CA ILE A 110 -15.73 -36.75 0.62
C ILE A 110 -16.87 -37.62 1.15
N GLU A 111 -16.80 -37.95 2.43
CA GLU A 111 -17.81 -38.76 3.10
C GLU A 111 -19.17 -38.09 2.87
N ILE A 112 -19.21 -36.80 3.14
CA ILE A 112 -20.43 -36.01 2.96
C ILE A 112 -20.89 -36.00 1.52
N ALA A 113 -19.99 -35.67 0.60
CA ALA A 113 -20.35 -35.60 -0.81
C ALA A 113 -20.97 -36.92 -1.28
N LEU A 114 -20.30 -38.04 -1.02
CA LEU A 114 -20.84 -39.33 -1.44
C LEU A 114 -22.21 -39.61 -0.84
N LYS A 115 -22.34 -39.39 0.46
CA LYS A 115 -23.62 -39.60 1.16
C LYS A 115 -24.70 -38.66 0.62
N LEU A 116 -24.36 -37.85 -0.37
CA LEU A 116 -25.32 -36.93 -0.96
C LEU A 116 -25.62 -37.30 -2.40
N VAL A 117 -24.67 -37.99 -3.03
CA VAL A 117 -24.85 -38.45 -4.40
C VAL A 117 -25.52 -39.83 -4.35
N LYS A 118 -26.57 -39.92 -3.53
CA LYS A 118 -27.35 -41.14 -3.32
C LYS A 118 -28.79 -40.80 -2.90
N GLU A 125 -36.51 -36.97 -12.66
CA GLU A 125 -35.69 -36.24 -11.69
C GLU A 125 -34.20 -36.32 -12.02
N HIS A 126 -33.70 -35.34 -12.80
CA HIS A 126 -32.28 -35.30 -13.20
C HIS A 126 -31.30 -35.23 -12.05
N PRO A 127 -30.25 -36.07 -12.09
CA PRO A 127 -29.20 -36.18 -11.08
C PRO A 127 -28.68 -34.83 -10.56
N LEU A 128 -28.22 -33.98 -11.45
CA LEU A 128 -27.69 -32.68 -11.03
C LEU A 128 -28.77 -31.91 -10.29
N ASP A 129 -29.92 -31.75 -10.93
CA ASP A 129 -31.04 -31.05 -10.34
C ASP A 129 -31.32 -31.61 -8.94
N GLN A 130 -31.23 -32.92 -8.80
CA GLN A 130 -31.48 -33.58 -7.52
C GLN A 130 -30.42 -33.19 -6.49
N HIS A 131 -29.17 -33.19 -6.91
CA HIS A 131 -28.08 -32.81 -6.03
C HIS A 131 -28.23 -31.36 -5.57
N TYR A 132 -28.48 -30.46 -6.52
CA TYR A 132 -28.64 -29.05 -6.21
C TYR A 132 -29.60 -28.81 -5.06
N ARG A 133 -30.60 -29.68 -4.97
CA ARG A 133 -31.60 -29.58 -3.92
C ARG A 133 -30.96 -30.04 -2.63
N ASN A 134 -30.40 -31.25 -2.65
CA ASN A 134 -29.76 -31.83 -1.48
C ASN A 134 -28.74 -30.89 -0.82
N LEU A 135 -28.37 -29.82 -1.53
CA LEU A 135 -27.42 -28.86 -1.00
C LEU A 135 -28.04 -27.84 -0.07
N HIS A 136 -29.32 -27.54 -0.28
CA HIS A 136 -29.99 -26.56 0.56
C HIS A 136 -29.15 -25.31 0.50
N CYS A 137 -28.66 -25.03 -0.69
CA CYS A 137 -27.82 -23.88 -0.91
C CYS A 137 -28.10 -23.34 -2.30
N ALA A 138 -28.46 -22.07 -2.39
CA ALA A 138 -28.79 -21.45 -3.67
C ALA A 138 -27.58 -20.91 -4.38
N LEU A 139 -27.45 -21.26 -5.65
CA LEU A 139 -26.33 -20.76 -6.43
C LEU A 139 -26.87 -20.08 -7.68
N ARG A 140 -27.17 -18.80 -7.60
CA ARG A 140 -27.66 -18.08 -8.77
C ARG A 140 -26.49 -17.47 -9.53
N PRO A 141 -26.38 -17.76 -10.83
CA PRO A 141 -25.28 -17.20 -11.63
C PRO A 141 -25.30 -15.69 -11.50
N LEU A 142 -24.13 -15.08 -11.65
CA LEU A 142 -24.03 -13.64 -11.51
C LEU A 142 -23.92 -12.96 -12.87
N ASP A 143 -24.53 -11.79 -12.97
CA ASP A 143 -24.52 -10.98 -14.18
C ASP A 143 -23.12 -10.41 -14.35
N HIS A 144 -22.37 -10.90 -15.34
CA HIS A 144 -21.01 -10.40 -15.55
C HIS A 144 -20.93 -8.91 -15.86
N GLU A 145 -22.07 -8.23 -15.76
CA GLU A 145 -22.13 -6.80 -16.01
C GLU A 145 -22.52 -6.08 -14.73
N SER A 146 -23.00 -6.84 -13.75
CA SER A 146 -23.41 -6.28 -12.47
C SER A 146 -22.22 -5.58 -11.84
N ASN A 147 -22.49 -4.61 -10.98
CA ASN A 147 -21.41 -3.91 -10.29
C ASN A 147 -20.74 -4.90 -9.34
N GLU A 148 -21.51 -5.86 -8.82
CA GLU A 148 -20.99 -6.88 -7.92
C GLU A 148 -19.83 -7.58 -8.61
N PHE A 149 -20.09 -8.04 -9.82
CA PHE A 149 -19.09 -8.73 -10.60
C PHE A 149 -17.83 -7.89 -10.76
N LYS A 150 -18.00 -6.66 -11.20
CA LYS A 150 -16.88 -5.75 -11.40
C LYS A 150 -16.03 -5.63 -10.14
N VAL A 151 -16.71 -5.55 -9.01
CA VAL A 151 -16.04 -5.44 -7.72
C VAL A 151 -15.32 -6.74 -7.34
N ILE A 152 -16.03 -7.87 -7.45
CA ILE A 152 -15.46 -9.16 -7.12
C ILE A 152 -14.20 -9.37 -7.94
N SER A 153 -14.27 -8.97 -9.20
CA SER A 153 -13.16 -9.12 -10.11
C SER A 153 -12.00 -8.21 -9.69
N GLN A 154 -12.33 -6.97 -9.34
CA GLN A 154 -11.32 -6.02 -8.93
C GLN A 154 -10.64 -6.46 -7.63
N TYR A 155 -11.44 -6.98 -6.70
CA TYR A 155 -10.91 -7.46 -5.43
C TYR A 155 -10.00 -8.67 -5.73
N LEU A 156 -10.52 -9.60 -6.52
CA LEU A 156 -9.77 -10.79 -6.90
C LEU A 156 -8.37 -10.51 -7.47
N GLN A 157 -8.28 -9.58 -8.40
CA GLN A 157 -7.00 -9.25 -9.00
C GLN A 157 -6.14 -8.34 -8.14
N SER A 158 -6.76 -7.30 -7.57
CA SER A 158 -6.02 -6.32 -6.76
C SER A 158 -5.43 -6.86 -5.47
N THR A 159 -5.87 -8.04 -5.04
CA THR A 159 -5.37 -8.65 -3.83
C THR A 159 -4.65 -9.97 -4.09
N HIS A 160 -4.17 -10.12 -5.32
CA HIS A 160 -3.39 -11.31 -5.67
C HIS A 160 -2.01 -10.94 -5.14
N ALA A 161 -1.59 -11.62 -4.09
CA ALA A 161 -0.30 -11.33 -3.45
C ALA A 161 0.89 -11.44 -4.37
N PRO A 162 1.89 -10.58 -4.18
CA PRO A 162 3.09 -10.62 -5.02
C PRO A 162 3.79 -11.98 -4.87
N THR A 163 3.97 -12.42 -3.64
CA THR A 163 4.62 -13.69 -3.34
C THR A 163 4.11 -14.89 -4.14
N HIS A 164 2.93 -14.79 -4.73
CA HIS A 164 2.38 -15.89 -5.51
C HIS A 164 2.33 -15.54 -6.99
N LYS A 165 3.48 -15.61 -7.66
CA LYS A 165 3.54 -15.30 -9.07
C LYS A 165 3.65 -16.52 -9.98
N ASP A 166 3.70 -17.71 -9.38
CA ASP A 166 3.79 -18.93 -10.16
C ASP A 166 2.51 -19.16 -10.97
N TYR A 167 1.57 -18.21 -10.91
CA TYR A 167 0.32 -18.31 -11.66
C TYR A 167 -0.47 -17.01 -11.76
N THR A 168 -1.52 -17.05 -12.57
CA THR A 168 -2.42 -15.93 -12.83
C THR A 168 -3.85 -16.44 -12.72
N MET A 169 -4.80 -15.56 -12.43
CA MET A 169 -6.19 -15.97 -12.30
C MET A 169 -7.10 -15.27 -13.28
N THR A 170 -7.93 -16.07 -13.95
CA THR A 170 -8.92 -15.56 -14.90
C THR A 170 -10.29 -15.98 -14.38
N LEU A 171 -11.10 -14.97 -14.07
CA LEU A 171 -12.44 -15.17 -13.52
C LEU A 171 -13.42 -15.70 -14.57
N LEU A 172 -13.64 -17.01 -14.53
CA LEU A 172 -14.54 -17.65 -15.47
C LEU A 172 -15.99 -17.25 -15.21
N ASP A 173 -16.42 -17.39 -13.97
CA ASP A 173 -17.80 -17.07 -13.61
C ASP A 173 -17.93 -16.86 -12.12
N VAL A 174 -19.02 -16.23 -11.71
CA VAL A 174 -19.27 -16.02 -10.28
C VAL A 174 -20.69 -16.45 -9.97
N PHE A 175 -20.87 -17.18 -8.88
CA PHE A 175 -22.20 -17.60 -8.50
C PHE A 175 -22.47 -17.01 -7.14
N GLU A 176 -23.65 -16.46 -6.94
CA GLU A 176 -23.99 -15.90 -5.64
C GLU A 176 -24.53 -17.04 -4.79
N VAL A 177 -23.98 -17.18 -3.60
CA VAL A 177 -24.38 -18.23 -2.69
C VAL A 177 -25.41 -17.76 -1.68
N GLU A 178 -26.27 -18.68 -1.29
CA GLU A 178 -27.33 -18.40 -0.34
C GLU A 178 -27.60 -19.68 0.44
N LYS A 179 -26.84 -19.86 1.52
CA LYS A 179 -27.01 -21.05 2.33
C LYS A 179 -28.14 -20.83 3.30
N GLU A 180 -29.03 -21.82 3.35
CA GLU A 180 -30.17 -21.80 4.22
C GLU A 180 -29.77 -21.59 5.67
N GLY A 181 -30.34 -20.55 6.27
CA GLY A 181 -30.07 -20.26 7.68
C GLY A 181 -28.96 -19.30 8.06
N GLU A 182 -28.10 -18.95 7.12
CA GLU A 182 -26.99 -18.06 7.46
C GLU A 182 -27.43 -16.61 7.64
N LYS A 183 -28.33 -16.17 6.76
CA LYS A 183 -28.86 -14.80 6.83
C LYS A 183 -29.37 -14.50 8.24
N GLU A 184 -30.26 -15.38 8.69
CA GLU A 184 -30.90 -15.28 10.00
C GLU A 184 -29.92 -15.36 11.15
N ALA A 185 -29.06 -16.36 11.15
CA ALA A 185 -28.09 -16.53 12.20
C ALA A 185 -26.90 -15.59 12.17
N PHE A 186 -26.60 -15.01 10.99
CA PHE A 186 -25.42 -14.17 10.84
C PHE A 186 -24.98 -13.19 11.93
N ARG A 187 -25.90 -12.53 12.59
CA ARG A 187 -25.50 -11.60 13.66
C ARG A 187 -24.75 -10.34 13.15
N GLU A 188 -25.58 -9.40 12.71
CA GLU A 188 -25.17 -8.13 12.15
C GLU A 188 -24.72 -7.13 13.19
N ASP A 189 -24.78 -7.52 14.45
CA ASP A 189 -24.40 -6.56 15.49
C ASP A 189 -22.92 -6.27 15.62
N LEU A 190 -22.07 -7.15 15.10
CA LEU A 190 -20.64 -6.96 15.22
C LEU A 190 -19.99 -6.09 14.16
N PRO A 191 -18.96 -5.31 14.55
CA PRO A 191 -18.19 -4.41 13.71
C PRO A 191 -17.26 -5.24 12.83
N ASN A 192 -16.38 -4.56 12.10
CA ASN A 192 -15.45 -5.24 11.20
C ASN A 192 -16.12 -6.32 10.38
N ARG A 193 -17.26 -5.98 9.78
CA ARG A 193 -17.97 -6.92 8.92
C ARG A 193 -17.24 -6.86 7.57
N MET A 194 -16.42 -7.87 7.33
CA MET A 194 -15.61 -7.96 6.11
C MET A 194 -16.03 -9.02 5.11
N LEU A 195 -15.65 -8.80 3.86
CA LEU A 195 -15.88 -9.76 2.78
C LEU A 195 -14.49 -10.39 2.61
N LEU A 196 -14.34 -11.65 3.03
CA LEU A 196 -13.05 -12.30 2.96
C LEU A 196 -13.00 -13.59 2.15
N TRP A 197 -11.78 -13.92 1.72
CA TRP A 197 -11.52 -15.11 0.92
C TRP A 197 -11.39 -16.37 1.73
N HIS A 198 -11.65 -17.49 1.08
CA HIS A 198 -11.51 -18.80 1.66
C HIS A 198 -11.39 -19.75 0.49
N GLY A 199 -10.29 -20.51 0.42
CA GLY A 199 -10.11 -21.44 -0.68
C GLY A 199 -10.11 -22.90 -0.27
N SER A 200 -10.36 -23.78 -1.23
CA SER A 200 -10.35 -25.19 -0.93
C SER A 200 -10.34 -26.00 -2.24
N ARG A 201 -9.99 -27.28 -2.14
CA ARG A 201 -9.95 -28.17 -3.30
C ARG A 201 -11.36 -28.40 -3.82
N LEU A 202 -11.47 -28.71 -5.11
CA LEU A 202 -12.76 -28.96 -5.73
C LEU A 202 -13.64 -29.92 -4.98
N SER A 203 -13.11 -31.10 -4.69
CA SER A 203 -13.87 -32.15 -4.02
C SER A 203 -14.34 -31.79 -2.62
N ASN A 204 -13.95 -30.63 -2.14
CA ASN A 204 -14.36 -30.19 -0.81
C ASN A 204 -15.65 -29.39 -0.87
N TRP A 205 -15.84 -28.72 -1.99
CA TRP A 205 -16.99 -27.85 -2.19
C TRP A 205 -18.39 -28.39 -1.97
N VAL A 206 -18.64 -29.66 -2.23
CA VAL A 206 -19.98 -30.17 -1.98
C VAL A 206 -20.23 -30.08 -0.49
N GLY A 207 -19.30 -30.59 0.30
CA GLY A 207 -19.44 -30.53 1.74
C GLY A 207 -19.55 -29.11 2.30
N ILE A 208 -18.80 -28.19 1.73
CA ILE A 208 -18.84 -26.80 2.20
C ILE A 208 -20.18 -26.17 1.90
N LEU A 209 -20.75 -26.47 0.74
CA LEU A 209 -22.03 -25.90 0.36
C LEU A 209 -23.20 -26.44 1.16
N SER A 210 -23.22 -27.75 1.38
CA SER A 210 -24.30 -28.38 2.15
C SER A 210 -24.21 -28.15 3.66
N HIS A 211 -23.01 -28.31 4.23
CA HIS A 211 -22.84 -28.10 5.66
C HIS A 211 -22.29 -26.73 6.03
N GLY A 212 -21.92 -25.94 5.03
CA GLY A 212 -21.34 -24.63 5.32
C GLY A 212 -19.94 -24.81 5.87
N LEU A 213 -19.22 -23.70 6.09
CA LEU A 213 -17.87 -23.80 6.62
C LEU A 213 -18.00 -24.08 8.11
N ARG A 214 -17.30 -25.08 8.62
CA ARG A 214 -17.41 -25.39 10.04
C ARG A 214 -16.10 -25.62 10.76
N VAL A 215 -16.15 -25.49 12.09
CA VAL A 215 -15.01 -25.65 12.98
C VAL A 215 -14.51 -27.09 13.04
N ALA A 216 -13.26 -27.27 13.44
CA ALA A 216 -12.67 -28.60 13.56
C ALA A 216 -13.32 -29.32 14.74
N PRO A 217 -13.36 -30.67 14.69
CA PRO A 217 -13.97 -31.47 15.75
C PRO A 217 -13.19 -31.37 17.06
N PRO A 218 -13.81 -31.76 18.17
CA PRO A 218 -13.09 -31.69 19.45
C PRO A 218 -12.09 -32.84 19.63
N GLU A 219 -12.16 -33.86 18.78
CA GLU A 219 -11.23 -34.97 18.87
C GLU A 219 -9.89 -34.56 18.27
N ALA A 220 -9.95 -33.64 17.31
CA ALA A 220 -8.75 -33.15 16.64
C ALA A 220 -7.70 -32.56 17.58
N PRO A 221 -6.41 -32.74 17.23
CA PRO A 221 -5.27 -32.24 18.01
C PRO A 221 -5.27 -30.72 17.86
N ILE A 222 -5.19 -30.02 18.98
CA ILE A 222 -5.22 -28.57 18.89
C ILE A 222 -4.03 -27.98 18.14
N THR A 223 -2.85 -28.57 18.32
CA THR A 223 -1.65 -28.03 17.69
C THR A 223 -1.57 -28.22 16.18
N GLY A 224 -2.62 -28.77 15.59
CA GLY A 224 -2.63 -28.93 14.16
C GLY A 224 -3.33 -27.74 13.52
N TYR A 225 -3.67 -26.73 14.35
CA TYR A 225 -4.37 -25.53 13.90
C TYR A 225 -3.60 -24.29 14.33
N MET A 226 -3.11 -23.56 13.35
CA MET A 226 -2.31 -22.39 13.59
C MET A 226 -2.86 -21.42 14.63
N PHE A 227 -4.17 -21.26 14.67
CA PHE A 227 -4.79 -20.35 15.63
C PHE A 227 -6.01 -20.94 16.32
N GLY A 228 -5.98 -22.25 16.51
CA GLY A 228 -7.09 -22.90 17.17
C GLY A 228 -8.18 -23.39 16.22
N LYS A 229 -9.17 -24.07 16.77
CA LYS A 229 -10.25 -24.63 15.98
C LYS A 229 -11.30 -23.62 15.55
N GLY A 230 -10.94 -22.79 14.57
CA GLY A 230 -11.87 -21.79 14.05
C GLY A 230 -12.05 -21.90 12.55
N ILE A 231 -12.60 -20.87 11.94
CA ILE A 231 -12.79 -20.86 10.49
C ILE A 231 -11.84 -19.79 9.96
N TYR A 232 -11.00 -20.16 9.00
CA TYR A 232 -10.01 -19.24 8.47
C TYR A 232 -10.37 -18.52 7.18
N PHE A 233 -9.94 -17.26 7.09
CA PHE A 233 -10.19 -16.40 5.95
C PHE A 233 -8.95 -15.56 5.71
N ALA A 234 -8.88 -14.91 4.54
CA ALA A 234 -7.75 -14.06 4.20
C ALA A 234 -8.22 -12.87 3.39
N ASP A 235 -7.45 -11.79 3.43
CA ASP A 235 -7.81 -10.62 2.66
C ASP A 235 -7.01 -10.58 1.36
N MET A 236 -6.32 -11.68 1.06
CA MET A 236 -5.52 -11.80 -0.17
C MET A 236 -6.02 -12.99 -1.01
N SER A 237 -6.66 -12.70 -2.13
CA SER A 237 -7.21 -13.73 -2.99
C SER A 237 -6.30 -14.92 -3.27
N SER A 238 -5.02 -14.65 -3.53
CA SER A 238 -4.08 -15.73 -3.84
C SER A 238 -3.69 -16.56 -2.64
N LYS A 239 -3.69 -15.93 -1.46
CA LYS A 239 -3.35 -16.60 -0.21
C LYS A 239 -4.30 -17.78 -0.10
N SER A 240 -5.57 -17.52 -0.42
CA SER A 240 -6.63 -18.53 -0.35
C SER A 240 -6.64 -19.45 -1.55
N ALA A 241 -6.44 -18.89 -2.74
CA ALA A 241 -6.45 -19.67 -3.95
C ALA A 241 -5.41 -20.80 -3.89
N ASN A 242 -4.37 -20.62 -3.10
CA ASN A 242 -3.38 -21.68 -2.99
C ASN A 242 -4.01 -22.93 -2.40
N TYR A 243 -5.10 -22.78 -1.66
CA TYR A 243 -5.73 -23.94 -1.05
C TYR A 243 -6.57 -24.74 -2.04
N CYS A 244 -6.63 -24.28 -3.28
CA CYS A 244 -7.38 -24.98 -4.31
C CYS A 244 -6.56 -26.16 -4.82
N PHE A 245 -5.25 -26.06 -4.66
CA PHE A 245 -4.33 -27.10 -5.12
C PHE A 245 -4.68 -27.47 -6.54
N ALA A 246 -4.84 -26.45 -7.37
CA ALA A 246 -5.16 -26.64 -8.76
C ALA A 246 -3.84 -26.84 -9.48
N SER A 247 -3.83 -27.66 -10.53
CA SER A 247 -2.62 -27.92 -11.30
C SER A 247 -2.88 -27.58 -12.75
N ARG A 248 -1.93 -27.90 -13.63
CA ARG A 248 -2.11 -27.59 -15.04
C ARG A 248 -3.24 -28.42 -15.65
N LEU A 249 -3.46 -29.58 -15.07
CA LEU A 249 -4.50 -30.48 -15.53
C LEU A 249 -5.81 -30.17 -14.81
N LYS A 250 -5.72 -29.85 -13.52
CA LYS A 250 -6.87 -29.49 -12.70
C LYS A 250 -6.95 -27.96 -12.76
N ASN A 251 -6.70 -27.45 -13.96
CA ASN A 251 -6.69 -26.02 -14.28
C ASN A 251 -7.82 -25.14 -13.72
N THR A 252 -8.93 -25.75 -13.33
CA THR A 252 -10.06 -24.99 -12.80
C THR A 252 -10.26 -25.22 -11.30
N GLY A 253 -10.46 -24.13 -10.57
CA GLY A 253 -10.67 -24.24 -9.13
C GLY A 253 -11.73 -23.26 -8.66
N LEU A 254 -12.14 -23.40 -7.40
CA LEU A 254 -13.16 -22.52 -6.84
C LEU A 254 -12.74 -21.89 -5.53
N LEU A 255 -12.98 -20.60 -5.37
CA LEU A 255 -12.66 -19.99 -4.09
C LEU A 255 -13.88 -19.19 -3.66
N LEU A 256 -14.18 -19.28 -2.37
CA LEU A 256 -15.33 -18.63 -1.78
C LEU A 256 -15.06 -17.26 -1.19
N LEU A 257 -16.08 -16.43 -1.24
CA LEU A 257 -16.02 -15.08 -0.71
C LEU A 257 -17.25 -14.94 0.21
N SER A 258 -17.03 -14.71 1.50
CA SER A 258 -18.17 -14.56 2.41
C SER A 258 -18.03 -13.45 3.42
N GLU A 259 -19.14 -13.05 4.02
CA GLU A 259 -19.13 -11.99 5.02
C GLU A 259 -18.75 -12.58 6.36
N VAL A 260 -17.78 -11.97 7.02
CA VAL A 260 -17.35 -12.44 8.32
C VAL A 260 -17.44 -11.30 9.33
N ALA A 261 -18.27 -11.49 10.36
CA ALA A 261 -18.43 -10.49 11.41
C ALA A 261 -17.25 -10.67 12.36
N LEU A 262 -16.19 -9.91 12.14
CA LEU A 262 -15.00 -10.02 12.96
C LEU A 262 -15.13 -9.42 14.33
N GLY A 263 -15.84 -8.31 14.43
CA GLY A 263 -16.00 -7.66 15.72
C GLY A 263 -14.63 -7.23 16.19
N GLN A 264 -14.42 -7.25 17.50
CA GLN A 264 -13.14 -6.85 18.06
C GLN A 264 -12.12 -7.94 17.78
N CYS A 265 -11.01 -7.56 17.16
CA CYS A 265 -9.98 -8.53 16.83
C CYS A 265 -8.88 -8.58 17.84
N ASN A 266 -8.42 -9.78 18.15
CA ASN A 266 -7.31 -9.96 19.08
C ASN A 266 -6.12 -10.16 18.17
N GLU A 267 -5.31 -9.10 18.04
CA GLU A 267 -4.17 -9.14 17.14
C GLU A 267 -2.98 -9.94 17.65
N LEU A 268 -2.56 -10.92 16.86
CA LEU A 268 -1.43 -11.78 17.22
C LEU A 268 -0.30 -11.70 16.20
N LEU A 269 0.94 -11.61 16.68
CA LEU A 269 2.08 -11.54 15.78
C LEU A 269 2.46 -12.91 15.27
N GLU A 270 2.41 -13.90 16.15
CA GLU A 270 2.78 -15.26 15.74
C GLU A 270 1.76 -16.32 16.08
N ALA A 271 1.83 -17.42 15.35
CA ALA A 271 0.93 -18.54 15.52
C ALA A 271 0.70 -18.93 16.98
N ASN A 272 -0.43 -19.59 17.21
CA ASN A 272 -0.78 -20.07 18.54
C ASN A 272 -2.06 -20.88 18.48
N PRO A 273 -1.93 -22.22 18.48
CA PRO A 273 -3.07 -23.15 18.43
C PRO A 273 -4.08 -22.87 19.51
N LYS A 274 -3.60 -22.31 20.62
CA LYS A 274 -4.46 -22.00 21.76
C LYS A 274 -5.04 -20.57 21.77
N ALA A 275 -4.94 -19.88 20.65
CA ALA A 275 -5.43 -18.51 20.49
C ALA A 275 -6.89 -18.27 20.86
N GLN A 276 -7.75 -19.26 20.62
CA GLN A 276 -9.17 -19.08 20.93
C GLN A 276 -9.34 -18.73 22.39
N GLY A 277 -8.58 -19.39 23.26
CA GLY A 277 -8.69 -19.09 24.67
C GLY A 277 -8.37 -17.65 25.03
N LEU A 278 -7.47 -17.01 24.29
CA LEU A 278 -7.06 -15.64 24.58
C LEU A 278 -8.00 -14.52 24.11
N LEU A 279 -9.15 -14.89 23.53
CA LEU A 279 -10.09 -13.87 23.07
C LEU A 279 -10.54 -12.93 24.19
N ARG A 280 -11.10 -13.50 25.26
CA ARG A 280 -11.55 -12.72 26.41
C ARG A 280 -12.37 -11.51 26.00
N GLY A 281 -13.45 -11.78 25.25
CA GLY A 281 -14.32 -10.71 24.80
C GLY A 281 -14.21 -10.38 23.32
N LYS A 282 -13.00 -10.33 22.80
CA LYS A 282 -12.80 -10.05 21.37
C LYS A 282 -13.51 -11.20 20.64
N HIS A 283 -13.96 -10.95 19.42
CA HIS A 283 -14.71 -11.94 18.64
C HIS A 283 -13.98 -12.70 17.55
N SER A 284 -12.67 -12.50 17.44
CA SER A 284 -11.91 -13.18 16.40
C SER A 284 -10.44 -12.91 16.59
N THR A 285 -9.62 -13.79 16.02
CA THR A 285 -8.17 -13.67 16.08
C THR A 285 -7.67 -13.12 14.75
N LYS A 286 -6.69 -12.22 14.81
CA LYS A 286 -6.11 -11.68 13.59
C LYS A 286 -4.61 -11.86 13.59
N GLY A 287 -4.11 -12.69 12.67
CA GLY A 287 -2.68 -12.88 12.55
C GLY A 287 -2.17 -11.70 11.77
N MET A 288 -1.41 -10.83 12.44
CA MET A 288 -0.90 -9.63 11.81
C MET A 288 0.14 -9.89 10.73
N GLY A 289 -0.27 -9.62 9.50
CA GLY A 289 0.63 -9.81 8.38
C GLY A 289 1.45 -8.57 8.09
N LYS A 290 2.58 -8.79 7.44
CA LYS A 290 3.52 -7.73 7.10
C LYS A 290 3.01 -6.94 5.89
N MET A 291 2.05 -7.51 5.16
CA MET A 291 1.46 -6.87 4.00
C MET A 291 -0.04 -7.08 3.86
N ALA A 292 -0.76 -6.01 3.56
CA ALA A 292 -2.21 -6.10 3.41
C ALA A 292 -2.83 -4.85 2.80
N PRO A 293 -4.10 -4.96 2.39
CA PRO A 293 -4.83 -3.84 1.79
C PRO A 293 -4.75 -2.61 2.68
N SER A 294 -4.91 -1.44 2.10
CA SER A 294 -4.85 -0.21 2.88
C SER A 294 -6.28 0.26 3.11
N PRO A 295 -6.61 0.64 4.36
CA PRO A 295 -7.98 1.12 4.65
C PRO A 295 -8.38 2.21 3.68
N ALA A 296 -7.40 3.02 3.31
CA ALA A 296 -7.64 4.12 2.39
C ALA A 296 -8.22 3.66 1.05
N HIS A 297 -8.12 2.37 0.75
CA HIS A 297 -8.63 1.84 -0.50
C HIS A 297 -9.89 1.02 -0.32
N PHE A 298 -10.37 0.92 0.91
CA PHE A 298 -11.55 0.13 1.19
C PHE A 298 -12.78 0.68 0.50
N ILE A 299 -13.70 -0.21 0.18
CA ILE A 299 -14.95 0.13 -0.46
C ILE A 299 -16.01 -0.69 0.27
N THR A 300 -17.27 -0.26 0.21
CA THR A 300 -18.37 -0.97 0.86
C THR A 300 -19.26 -1.64 -0.16
N LEU A 301 -19.61 -2.90 0.08
CA LEU A 301 -20.49 -3.60 -0.85
C LEU A 301 -21.59 -4.31 -0.11
N ASN A 302 -22.82 -3.84 -0.35
CA ASN A 302 -24.00 -4.39 0.28
C ASN A 302 -23.85 -4.54 1.78
N GLY A 303 -23.24 -3.57 2.43
CA GLY A 303 -23.08 -3.62 3.87
C GLY A 303 -21.81 -4.22 4.44
N SER A 304 -20.92 -4.70 3.58
CA SER A 304 -19.67 -5.29 4.03
C SER A 304 -18.47 -4.57 3.44
N THR A 305 -17.42 -4.39 4.25
CA THR A 305 -16.23 -3.70 3.78
C THR A 305 -15.41 -4.64 2.91
N VAL A 306 -14.93 -4.13 1.77
CA VAL A 306 -14.11 -4.90 0.84
C VAL A 306 -12.69 -4.35 0.86
N PRO A 307 -11.74 -5.14 1.39
CA PRO A 307 -10.33 -4.73 1.45
C PRO A 307 -9.60 -4.89 0.11
N LEU A 308 -10.07 -4.22 -0.93
CA LEU A 308 -9.44 -4.39 -2.23
C LEU A 308 -8.16 -3.63 -2.49
N GLY A 309 -7.97 -2.50 -1.82
CA GLY A 309 -6.78 -1.72 -2.06
C GLY A 309 -5.53 -2.56 -2.27
N PRO A 310 -4.72 -2.27 -3.31
CA PRO A 310 -3.50 -3.03 -3.56
C PRO A 310 -2.73 -3.24 -2.25
N ALA A 311 -2.19 -4.43 -2.06
CA ALA A 311 -1.44 -4.77 -0.85
C ALA A 311 -0.30 -3.79 -0.61
N SER A 312 -0.20 -3.33 0.63
CA SER A 312 0.83 -2.38 1.01
C SER A 312 1.47 -2.83 2.32
N ASP A 313 2.61 -2.25 2.68
CA ASP A 313 3.25 -2.65 3.92
C ASP A 313 2.45 -2.16 5.11
N THR A 314 2.24 -3.06 6.06
CA THR A 314 1.50 -2.77 7.27
C THR A 314 2.37 -2.16 8.34
N GLY A 315 3.65 -2.47 8.30
CA GLY A 315 4.56 -1.93 9.30
C GLY A 315 4.75 -2.88 10.46
N ILE A 316 4.11 -4.04 10.39
CA ILE A 316 4.23 -5.05 11.42
C ILE A 316 5.55 -5.79 11.23
N LEU A 317 6.28 -6.05 12.31
CA LEU A 317 7.56 -6.73 12.16
C LEU A 317 8.03 -7.37 13.47
N ASN A 318 7.83 -8.68 13.58
CA ASN A 318 8.20 -9.43 14.78
C ASN A 318 9.63 -9.13 15.18
N PRO A 319 9.83 -8.45 16.34
CA PRO A 319 11.05 -8.01 17.01
C PRO A 319 12.07 -9.10 17.14
N GLU A 320 11.59 -10.33 17.06
CA GLU A 320 12.45 -11.47 17.18
C GLU A 320 11.57 -12.63 16.79
N GLY A 321 11.70 -13.06 15.55
CA GLY A 321 10.92 -14.17 15.06
C GLY A 321 10.36 -13.93 13.68
N TYR A 322 9.65 -14.93 13.18
CA TYR A 322 9.05 -14.88 11.87
C TYR A 322 7.92 -13.86 11.85
N THR A 323 7.86 -13.08 10.79
CA THR A 323 6.80 -12.09 10.63
C THR A 323 5.89 -12.61 9.55
N LEU A 324 4.62 -12.81 9.89
CA LEU A 324 3.65 -13.31 8.94
C LEU A 324 3.62 -12.43 7.72
N ASN A 325 3.46 -13.03 6.57
CA ASN A 325 3.42 -12.28 5.32
C ASN A 325 2.13 -11.52 5.15
N TYR A 326 1.03 -12.27 5.17
CA TYR A 326 -0.28 -11.69 4.97
C TYR A 326 -1.17 -11.97 6.16
N ASN A 327 -2.23 -11.17 6.30
CA ASN A 327 -3.14 -11.33 7.41
C ASN A 327 -3.77 -12.70 7.43
N GLU A 328 -4.19 -13.09 8.64
CA GLU A 328 -4.86 -14.36 8.89
C GLU A 328 -6.08 -14.01 9.75
N PHE A 329 -7.27 -14.39 9.32
CA PHE A 329 -8.49 -14.11 10.09
C PHE A 329 -9.18 -15.38 10.59
N ILE A 330 -9.56 -15.40 11.87
CA ILE A 330 -10.23 -16.56 12.44
C ILE A 330 -11.42 -16.25 13.36
N VAL A 331 -12.56 -16.87 13.08
CA VAL A 331 -13.73 -16.70 13.93
C VAL A 331 -14.02 -18.10 14.41
N TYR A 332 -14.54 -18.24 15.62
CA TYR A 332 -14.79 -19.57 16.14
C TYR A 332 -16.24 -20.00 16.20
N SER A 333 -17.11 -19.22 15.56
CA SER A 333 -18.54 -19.54 15.53
C SER A 333 -19.08 -19.38 14.12
N PRO A 334 -19.78 -20.39 13.62
CA PRO A 334 -20.35 -20.34 12.28
C PRO A 334 -21.23 -19.12 12.07
N ASN A 335 -21.97 -18.73 13.10
CA ASN A 335 -22.86 -17.59 13.01
C ASN A 335 -22.13 -16.27 12.75
N GLN A 336 -20.81 -16.32 12.60
CA GLN A 336 -20.05 -15.11 12.32
C GLN A 336 -19.66 -15.14 10.85
N VAL A 337 -20.27 -16.06 10.12
CA VAL A 337 -19.99 -16.22 8.70
C VAL A 337 -21.25 -16.34 7.85
N ARG A 338 -21.19 -15.77 6.65
CA ARG A 338 -22.31 -15.84 5.71
C ARG A 338 -21.77 -15.88 4.28
N MET A 339 -21.77 -17.05 3.68
CA MET A 339 -21.26 -17.20 2.32
C MET A 339 -22.04 -16.31 1.36
N ARG A 340 -21.33 -15.61 0.49
CA ARG A 340 -21.98 -14.72 -0.46
C ARG A 340 -21.75 -15.05 -1.93
N TYR A 341 -20.48 -15.15 -2.33
CA TYR A 341 -20.16 -15.43 -3.73
C TYR A 341 -19.16 -16.57 -3.84
N LEU A 342 -19.30 -17.36 -4.89
CA LEU A 342 -18.40 -18.48 -5.14
C LEU A 342 -17.77 -18.26 -6.51
N LEU A 343 -16.47 -17.95 -6.56
CA LEU A 343 -15.80 -17.70 -7.83
C LEU A 343 -15.25 -18.93 -8.54
N LYS A 344 -15.53 -19.00 -9.83
CA LYS A 344 -15.05 -20.08 -10.67
C LYS A 344 -13.82 -19.47 -11.28
N ILE A 345 -12.66 -20.03 -10.98
CA ILE A 345 -11.42 -19.47 -11.50
C ILE A 345 -10.55 -20.45 -12.30
N GLN A 346 -9.95 -19.90 -13.35
CA GLN A 346 -9.07 -20.64 -14.23
C GLN A 346 -7.63 -20.19 -14.00
N PHE A 347 -6.79 -21.09 -13.49
CA PHE A 347 -5.40 -20.72 -13.23
C PHE A 347 -4.48 -20.91 -14.42
N ASN A 348 -3.71 -19.88 -14.69
CA ASN A 348 -2.76 -19.85 -15.79
C ASN A 348 -1.35 -19.90 -15.23
N PHE A 349 -0.75 -21.08 -15.18
CA PHE A 349 0.61 -21.21 -14.66
C PHE A 349 1.63 -20.69 -15.65
N LEU A 350 2.91 -20.76 -15.28
CA LEU A 350 3.97 -20.28 -16.15
C LEU A 350 4.97 -21.38 -16.45
N GLN A 351 5.13 -21.70 -17.73
CA GLN A 351 6.05 -22.75 -18.18
C GLN A 351 5.90 -23.03 -19.69
N GLN B 3 -7.72 18.06 -25.66
CA GLN B 3 -7.39 18.44 -27.06
C GLN B 3 -5.91 18.82 -27.20
N LEU B 4 -5.17 18.73 -26.11
CA LEU B 4 -3.74 19.05 -26.09
C LEU B 4 -2.93 17.76 -26.13
N ASP B 5 -1.64 17.88 -26.44
CA ASP B 5 -0.78 16.69 -26.50
C ASP B 5 -1.11 15.78 -25.32
N LEU B 6 -1.05 14.48 -25.54
CA LEU B 6 -1.37 13.49 -24.50
C LEU B 6 -0.44 13.65 -23.28
N ARG B 7 0.86 13.51 -23.53
CA ARG B 7 1.87 13.63 -22.48
C ARG B 7 1.53 14.75 -21.52
N VAL B 8 1.14 15.90 -22.08
CA VAL B 8 0.78 17.05 -21.27
C VAL B 8 -0.49 16.75 -20.48
N GLN B 9 -1.49 16.18 -21.14
CA GLN B 9 -2.73 15.86 -20.47
C GLN B 9 -2.44 15.05 -19.22
N GLU B 10 -1.55 14.07 -19.37
CA GLU B 10 -1.17 13.23 -18.25
C GLU B 10 -0.66 14.13 -17.14
N LEU B 11 0.36 14.92 -17.47
CA LEU B 11 0.96 15.85 -16.53
C LEU B 11 -0.09 16.65 -15.76
N LEU B 12 -1.02 17.28 -16.48
CA LEU B 12 -2.03 18.07 -15.82
C LEU B 12 -2.92 17.23 -14.91
N LYS B 13 -3.34 16.06 -15.39
CA LYS B 13 -4.21 15.20 -14.59
C LYS B 13 -3.49 14.85 -13.27
N LEU B 14 -2.18 14.74 -13.36
CA LEU B 14 -1.36 14.42 -12.21
C LEU B 14 -1.37 15.55 -11.16
N ILE B 15 -0.98 16.75 -11.59
CA ILE B 15 -0.89 17.90 -10.69
C ILE B 15 -2.20 18.63 -10.39
N CYS B 16 -3.27 18.28 -11.10
CA CYS B 16 -4.55 18.92 -10.89
C CYS B 16 -5.47 18.09 -10.01
N ASN B 17 -5.06 16.86 -9.76
CA ASN B 17 -5.84 15.94 -8.94
C ASN B 17 -6.11 16.54 -7.56
N VAL B 18 -7.38 16.78 -7.26
CA VAL B 18 -7.76 17.34 -5.98
C VAL B 18 -7.64 16.33 -4.84
N GLN B 19 -7.77 15.05 -5.18
CA GLN B 19 -7.64 13.99 -4.18
C GLN B 19 -6.23 14.05 -3.61
N THR B 20 -5.23 13.91 -4.49
CA THR B 20 -3.83 13.96 -4.06
C THR B 20 -3.55 15.21 -3.19
N MET B 21 -4.20 16.31 -3.51
CA MET B 21 -4.03 17.55 -2.74
C MET B 21 -4.49 17.32 -1.32
N GLU B 22 -5.65 16.66 -1.18
CA GLU B 22 -6.20 16.35 0.12
C GLU B 22 -5.22 15.43 0.85
N GLU B 23 -4.85 14.35 0.17
CA GLU B 23 -3.91 13.38 0.72
C GLU B 23 -2.68 14.07 1.30
N MET B 24 -2.04 14.90 0.48
CA MET B 24 -0.84 15.62 0.88
C MET B 24 -0.97 16.38 2.19
N MET B 25 -2.05 17.13 2.33
CA MET B 25 -2.27 17.90 3.55
C MET B 25 -2.45 16.99 4.73
N ILE B 26 -3.27 15.96 4.55
CA ILE B 26 -3.51 15.00 5.63
C ILE B 26 -2.17 14.40 6.07
N GLU B 27 -1.34 14.06 5.09
CA GLU B 27 -0.04 13.49 5.38
C GLU B 27 0.81 14.51 6.12
N MET B 28 0.35 15.75 6.17
CA MET B 28 1.09 16.79 6.87
C MET B 28 0.40 17.10 8.20
N LYS B 29 -0.51 16.23 8.58
CA LYS B 29 -1.25 16.35 9.84
C LYS B 29 -2.20 17.54 9.93
N TYR B 30 -2.54 18.11 8.78
CA TYR B 30 -3.47 19.24 8.70
C TYR B 30 -4.87 18.65 8.84
N ASP B 31 -5.80 19.40 9.41
CA ASP B 31 -7.15 18.90 9.63
C ASP B 31 -8.14 19.23 8.52
N THR B 32 -8.15 18.42 7.48
CA THR B 32 -9.04 18.60 6.34
C THR B 32 -10.51 18.61 6.74
N LYS B 33 -10.86 17.83 7.76
CA LYS B 33 -12.23 17.74 8.25
C LYS B 33 -12.72 19.09 8.78
N ARG B 34 -11.97 19.68 9.69
CA ARG B 34 -12.33 20.96 10.28
C ARG B 34 -12.25 22.13 9.30
N ALA B 35 -11.12 22.26 8.63
CA ALA B 35 -10.92 23.34 7.67
C ALA B 35 -10.73 22.81 6.27
N PRO B 36 -11.80 22.28 5.67
CA PRO B 36 -11.80 21.71 4.32
C PRO B 36 -11.07 22.62 3.34
N LEU B 37 -10.08 22.06 2.66
CA LEU B 37 -9.29 22.83 1.71
C LEU B 37 -10.15 23.68 0.78
N GLY B 38 -11.38 23.22 0.55
CA GLY B 38 -12.27 23.97 -0.32
C GLY B 38 -12.62 25.33 0.24
N LYS B 39 -12.79 25.42 1.56
CA LYS B 39 -13.13 26.66 2.24
C LYS B 39 -11.90 27.52 2.54
N LEU B 40 -10.72 27.03 2.16
CA LEU B 40 -9.48 27.74 2.42
C LEU B 40 -9.41 29.11 1.74
N THR B 41 -8.96 30.12 2.50
CA THR B 41 -8.82 31.48 1.98
C THR B 41 -7.41 31.98 2.25
N VAL B 42 -6.93 32.87 1.39
CA VAL B 42 -5.60 33.44 1.55
C VAL B 42 -5.43 34.14 2.89
N ALA B 43 -6.50 34.77 3.37
CA ALA B 43 -6.44 35.47 4.64
C ALA B 43 -6.07 34.51 5.75
N GLN B 44 -6.81 33.41 5.84
CA GLN B 44 -6.58 32.39 6.85
C GLN B 44 -5.10 32.03 6.88
N ILE B 45 -4.53 31.85 5.70
CA ILE B 45 -3.11 31.53 5.59
C ILE B 45 -2.29 32.65 6.21
N LYS B 46 -2.47 33.88 5.73
CA LYS B 46 -1.73 35.02 6.27
C LYS B 46 -1.87 35.07 7.79
N ALA B 47 -3.02 34.61 8.28
CA ALA B 47 -3.28 34.59 9.72
C ALA B 47 -2.32 33.64 10.43
N GLY B 48 -2.19 32.45 9.88
CA GLY B 48 -1.30 31.46 10.44
C GLY B 48 0.13 31.94 10.48
N TYR B 49 0.61 32.53 9.39
CA TYR B 49 1.98 33.05 9.31
C TYR B 49 2.26 33.97 10.49
N GLN B 50 1.30 34.84 10.77
CA GLN B 50 1.44 35.80 11.85
C GLN B 50 1.51 35.14 13.21
N SER B 51 0.74 34.06 13.39
CA SER B 51 0.76 33.34 14.66
C SER B 51 2.15 32.78 14.87
N LEU B 52 2.76 32.30 13.78
CA LEU B 52 4.10 31.75 13.85
C LEU B 52 5.07 32.83 14.30
N LYS B 53 4.97 34.00 13.67
CA LYS B 53 5.86 35.10 14.04
C LYS B 53 5.80 35.28 15.55
N LYS B 54 4.58 35.40 16.07
CA LYS B 54 4.38 35.58 17.51
C LYS B 54 5.13 34.51 18.28
N ILE B 55 5.04 33.27 17.78
CA ILE B 55 5.73 32.15 18.41
C ILE B 55 7.24 32.38 18.31
N GLU B 56 7.69 32.86 17.15
CA GLU B 56 9.10 33.14 16.95
C GLU B 56 9.51 34.20 17.95
N ASP B 57 8.59 35.12 18.21
CA ASP B 57 8.86 36.20 19.15
C ASP B 57 9.15 35.63 20.53
N CYS B 58 8.29 34.72 20.98
CA CYS B 58 8.48 34.11 22.30
C CYS B 58 9.81 33.37 22.33
N ILE B 59 10.01 32.44 21.40
CA ILE B 59 11.25 31.69 21.35
C ILE B 59 12.44 32.63 21.38
N ARG B 60 12.32 33.74 20.65
CA ARG B 60 13.37 34.74 20.60
C ARG B 60 13.63 35.31 21.98
N ALA B 61 12.56 35.69 22.68
CA ALA B 61 12.68 36.25 24.03
C ALA B 61 12.78 35.22 25.15
N GLY B 62 13.12 33.98 24.81
CA GLY B 62 13.22 32.94 25.82
C GLY B 62 11.95 32.73 26.64
N GLN B 63 10.81 33.16 26.12
CA GLN B 63 9.56 32.99 26.83
C GLN B 63 8.89 31.68 26.46
N HIS B 64 9.16 30.64 27.23
CA HIS B 64 8.55 29.33 26.95
C HIS B 64 7.41 29.08 27.92
N GLY B 65 6.85 30.16 28.44
CA GLY B 65 5.76 30.05 29.38
C GLY B 65 4.37 30.17 28.77
N ARG B 66 3.47 30.80 29.53
CA ARG B 66 2.11 30.98 29.07
C ARG B 66 2.08 31.74 27.77
N ALA B 67 3.02 32.68 27.62
CA ALA B 67 3.09 33.50 26.41
C ALA B 67 3.15 32.61 25.18
N LEU B 68 4.06 31.65 25.23
CA LEU B 68 4.24 30.73 24.14
C LEU B 68 3.02 29.84 23.96
N VAL B 69 2.61 29.21 25.04
CA VAL B 69 1.45 28.32 25.00
C VAL B 69 0.24 28.99 24.33
N GLU B 70 -0.02 30.24 24.67
CA GLU B 70 -1.16 30.97 24.10
C GLU B 70 -0.96 31.17 22.61
N ALA B 71 0.28 31.43 22.23
CA ALA B 71 0.64 31.65 20.83
C ALA B 71 0.41 30.39 19.99
N CYS B 72 0.74 29.23 20.55
CA CYS B 72 0.54 27.99 19.83
C CYS B 72 -0.96 27.73 19.70
N ASN B 73 -1.68 27.87 20.81
CA ASN B 73 -3.12 27.66 20.78
C ASN B 73 -3.73 28.52 19.69
N GLU B 74 -3.30 29.77 19.64
CA GLU B 74 -3.80 30.68 18.62
C GLU B 74 -3.58 30.05 17.25
N PHE B 75 -2.34 29.72 16.98
CA PHE B 75 -1.95 29.12 15.70
C PHE B 75 -2.65 27.80 15.36
N TYR B 76 -2.70 26.87 16.32
CA TYR B 76 -3.34 25.59 16.09
C TYR B 76 -4.82 25.77 15.80
N THR B 77 -5.35 26.89 16.29
CA THR B 77 -6.74 27.25 16.08
C THR B 77 -6.82 27.76 14.64
N ARG B 78 -5.95 28.71 14.31
CA ARG B 78 -5.91 29.29 12.96
C ARG B 78 -5.66 28.20 11.91
N ILE B 79 -4.69 27.34 12.15
CA ILE B 79 -4.36 26.26 11.21
C ILE B 79 -4.55 24.90 11.90
N PRO B 80 -5.78 24.39 11.91
CA PRO B 80 -6.18 23.12 12.51
C PRO B 80 -5.31 21.94 12.13
N HIS B 81 -4.79 21.25 13.15
CA HIS B 81 -3.96 20.05 12.94
C HIS B 81 -4.74 18.83 13.46
N ASP B 82 -4.51 17.67 12.85
CA ASP B 82 -5.18 16.45 13.30
C ASP B 82 -4.19 15.55 14.00
N PHE B 83 -4.21 15.58 15.33
CA PHE B 83 -3.31 14.77 16.14
C PHE B 83 -4.08 13.61 16.77
N GLY B 84 -5.35 13.51 16.39
CA GLY B 84 -6.20 12.48 16.95
C GLY B 84 -6.58 12.89 18.34
N LEU B 85 -6.17 12.08 19.33
CA LEU B 85 -6.49 12.40 20.71
C LEU B 85 -5.28 12.99 21.39
N SER B 86 -4.11 12.83 20.76
CA SER B 86 -2.86 13.34 21.29
C SER B 86 -2.87 14.83 21.57
N ILE B 87 -2.04 15.23 22.52
CA ILE B 87 -1.92 16.63 22.92
C ILE B 87 -0.96 17.33 21.98
N PRO B 88 -1.43 18.36 21.26
CA PRO B 88 -0.59 19.11 20.32
C PRO B 88 0.75 19.57 20.92
N PRO B 89 1.82 19.55 20.12
CA PRO B 89 3.15 19.95 20.58
C PRO B 89 3.30 21.45 20.63
N VAL B 90 3.95 21.94 21.68
CA VAL B 90 4.18 23.36 21.82
C VAL B 90 5.40 23.66 20.96
N ILE B 91 5.18 24.35 19.86
CA ILE B 91 6.25 24.71 18.94
C ILE B 91 7.24 25.61 19.70
N ARG B 92 8.48 25.17 19.80
CA ARG B 92 9.45 25.95 20.55
C ARG B 92 10.85 25.87 19.99
N THR B 93 10.94 25.49 18.73
CA THR B 93 12.25 25.39 18.07
C THR B 93 12.18 25.93 16.65
N GLU B 94 13.31 26.41 16.16
CA GLU B 94 13.39 26.96 14.82
C GLU B 94 13.08 25.90 13.78
N LYS B 95 13.67 24.72 13.95
CA LYS B 95 13.43 23.63 13.01
C LYS B 95 11.94 23.38 12.82
N GLU B 96 11.18 23.42 13.91
CA GLU B 96 9.75 23.21 13.85
C GLU B 96 9.04 24.38 13.16
N LEU B 97 9.54 25.59 13.36
CA LEU B 97 8.94 26.75 12.71
C LEU B 97 9.06 26.51 11.23
N SER B 98 10.25 26.06 10.84
CA SER B 98 10.56 25.78 9.46
C SER B 98 9.59 24.78 8.86
N ASP B 99 9.18 23.79 9.64
CA ASP B 99 8.26 22.80 9.11
C ASP B 99 6.85 23.36 8.95
N LYS B 100 6.43 24.19 9.89
CA LYS B 100 5.10 24.79 9.82
C LYS B 100 5.05 25.79 8.67
N VAL B 101 6.20 26.37 8.35
CA VAL B 101 6.26 27.33 7.25
C VAL B 101 6.06 26.61 5.94
N LYS B 102 6.59 25.40 5.86
CA LYS B 102 6.45 24.60 4.66
C LYS B 102 5.02 24.12 4.52
N LEU B 103 4.33 23.96 5.65
CA LEU B 103 2.93 23.54 5.63
C LEU B 103 2.07 24.66 5.06
N LEU B 104 2.29 25.88 5.56
CA LEU B 104 1.53 27.03 5.10
C LEU B 104 1.81 27.28 3.63
N GLU B 105 3.05 27.03 3.22
CA GLU B 105 3.45 27.22 1.84
C GLU B 105 2.65 26.28 0.93
N ALA B 106 2.43 25.05 1.39
CA ALA B 106 1.68 24.06 0.64
C ALA B 106 0.24 24.51 0.56
N LEU B 107 -0.32 24.94 1.69
CA LEU B 107 -1.70 25.43 1.72
C LEU B 107 -1.84 26.58 0.71
N GLY B 108 -0.82 27.42 0.64
CA GLY B 108 -0.87 28.54 -0.29
C GLY B 108 -1.05 28.10 -1.73
N ASP B 109 -0.38 27.02 -2.12
CA ASP B 109 -0.48 26.51 -3.47
C ASP B 109 -1.74 25.71 -3.68
N ILE B 110 -2.27 25.14 -2.61
CA ILE B 110 -3.51 24.39 -2.71
C ILE B 110 -4.60 25.44 -2.95
N GLU B 111 -4.52 26.53 -2.19
CA GLU B 111 -5.50 27.62 -2.31
C GLU B 111 -5.49 28.06 -3.76
N ILE B 112 -4.30 28.32 -4.30
CA ILE B 112 -4.14 28.76 -5.67
C ILE B 112 -4.69 27.76 -6.66
N ALA B 113 -4.25 26.51 -6.53
CA ALA B 113 -4.70 25.46 -7.43
C ALA B 113 -6.23 25.36 -7.45
N LEU B 114 -6.85 25.27 -6.28
CA LEU B 114 -8.30 25.16 -6.20
C LEU B 114 -9.01 26.33 -6.88
N LYS B 115 -8.41 27.51 -6.84
CA LYS B 115 -9.02 28.67 -7.47
C LYS B 115 -8.96 28.56 -8.98
N LEU B 116 -7.87 28.02 -9.51
CA LEU B 116 -7.72 27.88 -10.95
C LEU B 116 -8.89 27.10 -11.55
N VAL B 117 -9.26 26.00 -10.90
CA VAL B 117 -10.36 25.19 -11.39
C VAL B 117 -11.70 25.91 -11.11
N LYS B 118 -12.04 26.81 -12.02
CA LYS B 118 -13.25 27.59 -11.93
C LYS B 118 -13.89 27.79 -13.31
N GLU B 125 -14.98 23.69 -25.14
CA GLU B 125 -14.29 23.99 -23.89
C GLU B 125 -13.84 22.71 -23.17
N HIS B 126 -12.68 22.19 -23.56
CA HIS B 126 -12.14 20.97 -22.95
C HIS B 126 -11.66 21.27 -21.52
N PRO B 127 -11.97 20.38 -20.55
CA PRO B 127 -11.58 20.56 -19.15
C PRO B 127 -10.10 20.84 -18.90
N LEU B 128 -9.26 19.85 -19.18
CA LEU B 128 -7.83 20.02 -18.98
C LEU B 128 -7.37 21.27 -19.71
N ASP B 129 -7.59 21.30 -21.02
CA ASP B 129 -7.21 22.42 -21.86
C ASP B 129 -7.52 23.76 -21.19
N GLN B 130 -8.66 23.84 -20.51
CA GLN B 130 -9.05 25.07 -19.83
C GLN B 130 -7.99 25.42 -18.77
N HIS B 131 -7.62 24.42 -17.97
CA HIS B 131 -6.62 24.64 -16.94
C HIS B 131 -5.29 25.08 -17.54
N TYR B 132 -4.84 24.37 -18.55
CA TYR B 132 -3.58 24.68 -19.21
C TYR B 132 -3.46 26.15 -19.58
N ARG B 133 -4.60 26.76 -19.89
CA ARG B 133 -4.64 28.16 -20.27
C ARG B 133 -4.47 28.97 -19.00
N ASN B 134 -5.33 28.70 -18.02
CA ASN B 134 -5.29 29.40 -16.74
C ASN B 134 -3.90 29.44 -16.11
N LEU B 135 -2.97 28.64 -16.63
CA LEU B 135 -1.62 28.60 -16.11
C LEU B 135 -0.74 29.70 -16.65
N HIS B 136 -1.03 30.15 -17.87
CA HIS B 136 -0.22 31.18 -18.49
C HIS B 136 1.22 30.69 -18.43
N CYS B 137 1.34 29.37 -18.53
CA CYS B 137 2.64 28.73 -18.54
C CYS B 137 2.59 27.69 -19.65
N ALA B 138 3.64 27.66 -20.47
CA ALA B 138 3.70 26.74 -21.58
C ALA B 138 4.57 25.54 -21.27
N LEU B 139 4.05 24.37 -21.61
CA LEU B 139 4.76 23.11 -21.40
C LEU B 139 4.78 22.35 -22.71
N ARG B 140 5.90 22.45 -23.43
CA ARG B 140 6.03 21.74 -24.69
C ARG B 140 6.93 20.53 -24.52
N PRO B 141 6.34 19.31 -24.53
CA PRO B 141 7.09 18.06 -24.37
C PRO B 141 8.39 18.05 -25.17
N LEU B 142 9.46 17.59 -24.54
CA LEU B 142 10.75 17.56 -25.19
C LEU B 142 10.90 16.27 -25.99
N ASP B 143 11.80 16.28 -26.97
CA ASP B 143 12.04 15.10 -27.78
C ASP B 143 13.16 14.26 -27.17
N HIS B 144 12.78 13.14 -26.56
CA HIS B 144 13.73 12.24 -25.92
C HIS B 144 15.02 12.05 -26.70
N GLU B 145 14.99 12.38 -27.98
CA GLU B 145 16.17 12.24 -28.83
C GLU B 145 17.05 13.47 -28.65
N SER B 146 16.41 14.65 -28.67
CA SER B 146 17.07 15.95 -28.54
C SER B 146 18.32 15.94 -27.68
N ASN B 147 19.29 16.77 -28.05
CA ASN B 147 20.53 16.85 -27.29
C ASN B 147 20.23 17.39 -25.90
N GLU B 148 19.26 18.29 -25.84
CA GLU B 148 18.85 18.88 -24.57
C GLU B 148 18.45 17.78 -23.61
N PHE B 149 17.54 16.92 -24.05
CA PHE B 149 17.08 15.82 -23.22
C PHE B 149 18.25 15.02 -22.66
N LYS B 150 19.17 14.64 -23.53
CA LYS B 150 20.34 13.88 -23.11
C LYS B 150 21.05 14.56 -21.94
N VAL B 151 21.27 15.86 -22.07
CA VAL B 151 21.95 16.64 -21.04
C VAL B 151 21.12 16.65 -19.76
N ILE B 152 19.84 16.92 -19.88
CA ILE B 152 18.98 16.94 -18.71
C ILE B 152 19.11 15.60 -18.00
N SER B 153 19.08 14.52 -18.78
CA SER B 153 19.18 13.17 -18.24
C SER B 153 20.57 12.96 -17.59
N GLN B 154 21.62 13.37 -18.30
CA GLN B 154 22.97 13.21 -17.80
C GLN B 154 23.18 14.01 -16.51
N TYR B 155 22.62 15.22 -16.49
CA TYR B 155 22.71 16.08 -15.30
C TYR B 155 21.94 15.39 -14.18
N LEU B 156 20.71 15.00 -14.48
CA LEU B 156 19.87 14.34 -13.48
C LEU B 156 20.53 13.17 -12.76
N GLN B 157 21.14 12.27 -13.52
CA GLN B 157 21.80 11.12 -12.93
C GLN B 157 23.18 11.41 -12.34
N SER B 158 23.99 12.18 -13.06
CA SER B 158 25.36 12.48 -12.61
C SER B 158 25.44 13.32 -11.36
N THR B 159 24.32 13.93 -10.96
CA THR B 159 24.30 14.76 -9.75
C THR B 159 23.35 14.21 -8.69
N HIS B 160 23.07 12.91 -8.79
CA HIS B 160 22.24 12.25 -7.79
C HIS B 160 23.23 12.00 -6.66
N ALA B 161 23.08 12.74 -5.57
CA ALA B 161 24.00 12.64 -4.43
C ALA B 161 24.16 11.24 -3.85
N PRO B 162 25.39 10.90 -3.41
CA PRO B 162 25.64 9.59 -2.82
C PRO B 162 24.74 9.41 -1.59
N THR B 163 24.73 10.41 -0.72
CA THR B 163 23.93 10.38 0.51
C THR B 163 22.46 9.94 0.34
N HIS B 164 21.93 10.02 -0.88
CA HIS B 164 20.54 9.64 -1.09
C HIS B 164 20.44 8.38 -1.92
N LYS B 165 20.70 7.25 -1.28
CA LYS B 165 20.66 5.98 -1.98
C LYS B 165 19.39 5.16 -1.71
N ASP B 166 18.51 5.69 -0.87
CA ASP B 166 17.27 5.00 -0.57
C ASP B 166 16.34 4.93 -1.80
N TYR B 167 16.82 5.43 -2.94
CA TYR B 167 16.03 5.39 -4.18
C TYR B 167 16.86 5.67 -5.43
N THR B 168 16.20 5.44 -6.56
CA THR B 168 16.77 5.65 -7.87
C THR B 168 15.67 6.37 -8.62
N MET B 169 16.05 7.18 -9.59
CA MET B 169 15.04 7.90 -10.34
C MET B 169 15.11 7.57 -11.81
N THR B 170 13.94 7.57 -12.44
CA THR B 170 13.84 7.31 -13.86
C THR B 170 12.93 8.40 -14.39
N LEU B 171 13.38 9.13 -15.40
CA LEU B 171 12.54 10.20 -15.94
C LEU B 171 11.61 9.68 -17.01
N LEU B 172 10.31 9.83 -16.76
CA LEU B 172 9.30 9.37 -17.69
C LEU B 172 9.12 10.39 -18.81
N ASP B 173 9.59 11.61 -18.56
CA ASP B 173 9.47 12.70 -19.54
C ASP B 173 10.19 13.97 -19.08
N VAL B 174 10.19 14.98 -19.95
CA VAL B 174 10.81 16.26 -19.68
C VAL B 174 10.12 17.34 -20.51
N PHE B 175 9.27 18.14 -19.89
CA PHE B 175 8.53 19.21 -20.57
C PHE B 175 9.27 20.53 -20.46
N GLU B 176 9.35 21.26 -21.57
CA GLU B 176 10.02 22.55 -21.53
C GLU B 176 9.02 23.59 -21.05
N VAL B 177 9.42 24.38 -20.05
CA VAL B 177 8.56 25.40 -19.47
C VAL B 177 8.81 26.79 -20.06
N GLU B 178 7.74 27.55 -20.15
CA GLU B 178 7.80 28.90 -20.68
C GLU B 178 6.76 29.72 -19.94
N LYS B 179 7.15 30.29 -18.82
CA LYS B 179 6.26 31.10 -18.03
C LYS B 179 6.22 32.51 -18.59
N GLU B 180 5.02 33.00 -18.79
CA GLU B 180 4.80 34.33 -19.32
C GLU B 180 5.51 35.39 -18.50
N GLY B 181 6.36 36.16 -19.15
CA GLY B 181 7.07 37.24 -18.47
C GLY B 181 8.45 37.00 -17.90
N GLU B 182 8.89 35.75 -17.81
CA GLU B 182 10.20 35.48 -17.24
C GLU B 182 11.34 35.80 -18.19
N LYS B 183 11.13 35.50 -19.47
CA LYS B 183 12.15 35.76 -20.47
C LYS B 183 12.56 37.23 -20.40
N GLU B 184 11.56 38.10 -20.47
CA GLU B 184 11.73 39.55 -20.45
C GLU B 184 12.38 40.05 -19.17
N ALA B 185 11.79 39.68 -18.04
CA ALA B 185 12.28 40.09 -16.74
C ALA B 185 13.60 39.46 -16.30
N PHE B 186 13.92 38.27 -16.81
CA PHE B 186 15.10 37.54 -16.36
C PHE B 186 16.40 38.26 -16.04
N ARG B 187 16.78 39.27 -16.81
CA ARG B 187 18.02 39.96 -16.48
C ARG B 187 19.30 39.11 -16.70
N GLU B 188 19.70 39.12 -17.97
CA GLU B 188 20.85 38.42 -18.50
C GLU B 188 22.16 39.08 -18.18
N ASP B 189 22.14 40.20 -17.48
CA ASP B 189 23.38 40.91 -17.19
C ASP B 189 24.25 40.30 -16.12
N LEU B 190 23.67 39.44 -15.29
CA LEU B 190 24.45 38.84 -14.22
C LEU B 190 25.21 37.57 -14.59
N PRO B 191 26.41 37.39 -13.99
CA PRO B 191 27.31 36.24 -14.19
C PRO B 191 26.73 35.02 -13.48
N ASN B 192 27.51 33.94 -13.44
CA ASN B 192 27.06 32.72 -12.79
C ASN B 192 25.63 32.38 -13.15
N ARG B 193 25.32 32.38 -14.44
CA ARG B 193 23.98 32.03 -14.90
C ARG B 193 23.99 30.50 -14.90
N MET B 194 23.32 29.92 -13.91
CA MET B 194 23.27 28.47 -13.75
C MET B 194 21.92 27.82 -13.98
N LEU B 195 21.96 26.54 -14.34
CA LEU B 195 20.75 25.74 -14.54
C LEU B 195 20.71 24.93 -13.25
N LEU B 196 19.75 25.24 -12.37
CA LEU B 196 19.67 24.56 -11.08
C LEU B 196 18.35 23.89 -10.76
N TRP B 197 18.46 22.91 -9.88
CA TRP B 197 17.34 22.10 -9.46
C TRP B 197 16.45 22.78 -8.43
N HIS B 198 15.19 22.35 -8.39
CA HIS B 198 14.22 22.83 -7.43
C HIS B 198 13.14 21.77 -7.38
N GLY B 199 12.88 21.22 -6.20
CA GLY B 199 11.87 20.20 -6.11
C GLY B 199 10.70 20.57 -5.22
N SER B 200 9.59 19.90 -5.42
CA SER B 200 8.41 20.15 -4.62
C SER B 200 7.38 19.03 -4.77
N ARG B 201 6.43 18.98 -3.85
CA ARG B 201 5.38 17.95 -3.89
C ARG B 201 4.49 18.19 -5.11
N LEU B 202 3.83 17.13 -5.58
CA LEU B 202 2.94 17.23 -6.74
C LEU B 202 1.92 18.35 -6.65
N SER B 203 1.16 18.36 -5.56
CA SER B 203 0.11 19.35 -5.36
C SER B 203 0.59 20.81 -5.30
N ASN B 204 1.90 21.01 -5.35
CA ASN B 204 2.44 22.36 -5.29
C ASN B 204 2.62 22.91 -6.68
N TRP B 205 2.85 22.02 -7.64
CA TRP B 205 3.11 22.39 -9.02
C TRP B 205 2.13 23.28 -9.77
N VAL B 206 0.86 23.19 -9.46
CA VAL B 206 -0.07 24.07 -10.16
C VAL B 206 0.32 25.51 -9.76
N GLY B 207 0.41 25.75 -8.46
CA GLY B 207 0.76 27.07 -7.98
C GLY B 207 2.10 27.57 -8.50
N ILE B 208 3.07 26.67 -8.60
CA ILE B 208 4.40 27.06 -9.08
C ILE B 208 4.37 27.44 -10.54
N LEU B 209 3.55 26.75 -11.32
CA LEU B 209 3.48 27.04 -12.74
C LEU B 209 2.73 28.32 -13.05
N SER B 210 1.62 28.56 -12.36
CA SER B 210 0.84 29.76 -12.59
C SER B 210 1.47 31.03 -12.00
N HIS B 211 1.93 30.96 -10.75
CA HIS B 211 2.53 32.12 -10.09
C HIS B 211 4.04 32.14 -10.15
N GLY B 212 4.65 31.08 -10.67
CA GLY B 212 6.10 31.01 -10.71
C GLY B 212 6.64 30.78 -9.29
N LEU B 213 7.96 30.61 -9.17
CA LEU B 213 8.57 30.41 -7.86
C LEU B 213 8.64 31.78 -7.21
N ARG B 214 8.19 31.89 -5.96
CA ARG B 214 8.19 33.18 -5.30
C ARG B 214 8.68 33.16 -3.86
N VAL B 215 9.13 34.33 -3.40
CA VAL B 215 9.65 34.54 -2.07
C VAL B 215 8.59 34.37 -0.98
N ALA B 216 9.03 34.13 0.25
CA ALA B 216 8.11 33.98 1.37
C ALA B 216 7.51 35.35 1.71
N PRO B 217 6.29 35.36 2.27
CA PRO B 217 5.59 36.61 2.65
C PRO B 217 6.33 37.34 3.75
N PRO B 218 6.01 38.63 3.97
CA PRO B 218 6.68 39.38 5.03
C PRO B 218 6.11 39.08 6.43
N GLU B 219 4.98 38.38 6.48
CA GLU B 219 4.38 38.01 7.78
C GLU B 219 5.13 36.81 8.37
N ALA B 220 5.69 35.98 7.49
CA ALA B 220 6.42 34.77 7.88
C ALA B 220 7.59 35.07 8.80
N PRO B 221 7.90 34.12 9.73
CA PRO B 221 9.00 34.21 10.70
C PRO B 221 10.28 34.05 9.92
N ILE B 222 11.21 34.98 10.07
CA ILE B 222 12.44 34.89 9.34
C ILE B 222 13.25 33.65 9.68
N THR B 223 13.30 33.27 10.96
CA THR B 223 14.09 32.12 11.37
C THR B 223 13.59 30.78 10.88
N GLY B 224 12.53 30.80 10.06
CA GLY B 224 12.01 29.57 9.51
C GLY B 224 12.61 29.36 8.13
N TYR B 225 13.59 30.18 7.78
CA TYR B 225 14.25 30.10 6.48
C TYR B 225 15.74 30.08 6.68
N MET B 226 16.34 28.95 6.33
CA MET B 226 17.76 28.73 6.49
C MET B 226 18.65 29.89 6.03
N PHE B 227 18.27 30.55 4.95
CA PHE B 227 19.07 31.67 4.46
C PHE B 227 18.22 32.89 4.10
N GLY B 228 17.12 33.07 4.81
CA GLY B 228 16.27 34.20 4.53
C GLY B 228 15.18 33.91 3.53
N LYS B 229 14.32 34.91 3.30
CA LYS B 229 13.20 34.79 2.40
C LYS B 229 13.57 34.93 0.93
N GLY B 230 14.17 33.88 0.37
CA GLY B 230 14.58 33.88 -1.02
C GLY B 230 14.01 32.68 -1.75
N ILE B 231 14.58 32.35 -2.89
CA ILE B 231 14.15 31.19 -3.67
C ILE B 231 15.33 30.25 -3.65
N TYR B 232 15.10 29.00 -3.25
CA TYR B 232 16.17 28.02 -3.13
C TYR B 232 16.34 27.06 -4.28
N PHE B 233 17.60 26.78 -4.58
CA PHE B 233 17.98 25.86 -5.65
C PHE B 233 19.15 25.00 -5.21
N ALA B 234 19.43 23.94 -5.95
CA ALA B 234 20.54 23.04 -5.63
C ALA B 234 21.22 22.54 -6.89
N ASP B 235 22.49 22.21 -6.79
CA ASP B 235 23.20 21.67 -7.95
C ASP B 235 23.20 20.14 -7.93
N MET B 236 22.43 19.54 -7.01
CA MET B 236 22.34 18.10 -6.87
C MET B 236 20.89 17.67 -7.04
N SER B 237 20.61 16.99 -8.15
CA SER B 237 19.26 16.55 -8.46
C SER B 237 18.50 15.89 -7.31
N SER B 238 19.18 15.02 -6.55
CA SER B 238 18.53 14.29 -5.44
C SER B 238 18.24 15.17 -4.23
N LYS B 239 19.10 16.17 -4.04
CA LYS B 239 18.96 17.11 -2.94
C LYS B 239 17.58 17.73 -3.06
N SER B 240 17.23 18.09 -4.30
CA SER B 240 15.94 18.69 -4.60
C SER B 240 14.81 17.68 -4.70
N ALA B 241 15.10 16.51 -5.27
CA ALA B 241 14.07 15.47 -5.44
C ALA B 241 13.50 15.03 -4.11
N ASN B 242 14.27 15.20 -3.03
CA ASN B 242 13.77 14.81 -1.73
C ASN B 242 12.57 15.67 -1.36
N TYR B 243 12.46 16.84 -1.97
CA TYR B 243 11.34 17.72 -1.66
C TYR B 243 10.06 17.28 -2.36
N CYS B 244 10.14 16.22 -3.15
CA CYS B 244 8.96 15.73 -3.86
C CYS B 244 8.11 14.91 -2.90
N PHE B 245 8.76 14.40 -1.85
CA PHE B 245 8.08 13.58 -0.85
C PHE B 245 7.24 12.53 -1.56
N ALA B 246 7.88 11.86 -2.52
CA ALA B 246 7.23 10.80 -3.27
C ALA B 246 7.41 9.52 -2.47
N SER B 247 6.41 8.64 -2.52
CA SER B 247 6.48 7.37 -1.79
C SER B 247 6.29 6.23 -2.78
N ARG B 248 6.21 5.01 -2.27
CA ARG B 248 6.05 3.85 -3.14
C ARG B 248 4.72 3.90 -3.88
N LEU B 249 3.75 4.55 -3.26
CA LEU B 249 2.43 4.68 -3.86
C LEU B 249 2.37 5.95 -4.71
N LYS B 250 3.03 7.03 -4.23
CA LYS B 250 3.10 8.29 -4.94
C LYS B 250 4.39 8.24 -5.75
N ASN B 251 4.64 7.07 -6.31
CA ASN B 251 5.81 6.75 -7.12
C ASN B 251 6.28 7.78 -8.17
N THR B 252 5.40 8.69 -8.58
CA THR B 252 5.76 9.69 -9.58
C THR B 252 5.83 11.08 -8.99
N GLY B 253 6.91 11.80 -9.31
CA GLY B 253 7.09 13.15 -8.81
C GLY B 253 7.64 14.05 -9.89
N LEU B 254 7.70 15.34 -9.60
CA LEU B 254 8.20 16.31 -10.57
C LEU B 254 9.26 17.20 -9.97
N LEU B 255 10.33 17.46 -10.69
CA LEU B 255 11.32 18.39 -10.17
C LEU B 255 11.64 19.36 -11.31
N LEU B 256 11.77 20.63 -10.94
CA LEU B 256 12.03 21.71 -11.89
C LEU B 256 13.48 22.08 -12.06
N LEU B 257 13.81 22.49 -13.28
CA LEU B 257 15.15 22.89 -13.63
C LEU B 257 15.03 24.30 -14.26
N SER B 258 15.63 25.31 -13.64
CA SER B 258 15.54 26.66 -14.20
C SER B 258 16.83 27.45 -14.19
N GLU B 259 16.88 28.50 -15.00
CA GLU B 259 18.07 29.34 -15.05
C GLU B 259 18.02 30.32 -13.89
N VAL B 260 19.13 30.44 -13.18
CA VAL B 260 19.20 31.36 -12.07
C VAL B 260 20.42 32.25 -12.25
N ALA B 261 20.18 33.55 -12.32
CA ALA B 261 21.27 34.51 -12.47
C ALA B 261 21.82 34.73 -11.08
N LEU B 262 22.88 34.03 -10.73
CA LEU B 262 23.47 34.16 -9.40
C LEU B 262 24.29 35.41 -9.20
N GLY B 263 25.00 35.83 -10.24
CA GLY B 263 25.83 37.01 -10.12
C GLY B 263 26.87 36.74 -9.06
N GLN B 264 27.28 37.77 -8.32
CA GLN B 264 28.27 37.62 -7.27
C GLN B 264 27.63 36.88 -6.10
N CYS B 265 28.26 35.79 -5.68
CA CYS B 265 27.75 34.99 -4.57
C CYS B 265 28.40 35.35 -3.26
N ASN B 266 27.60 35.41 -2.22
CA ASN B 266 28.11 35.68 -0.89
C ASN B 266 28.17 34.29 -0.26
N GLU B 267 29.38 33.74 -0.18
CA GLU B 267 29.57 32.39 0.33
C GLU B 267 29.50 32.28 1.85
N LEU B 268 28.60 31.43 2.32
CA LEU B 268 28.39 31.19 3.75
C LEU B 268 28.65 29.73 4.13
N LEU B 269 29.20 29.51 5.32
CA LEU B 269 29.49 28.17 5.77
C LEU B 269 28.36 27.55 6.60
N GLU B 270 27.42 28.35 7.06
CA GLU B 270 26.33 27.81 7.84
C GLU B 270 25.11 28.72 7.76
N ALA B 271 23.94 28.16 8.06
CA ALA B 271 22.70 28.91 8.01
C ALA B 271 22.76 30.27 8.72
N ASN B 272 21.90 31.19 8.27
CA ASN B 272 21.78 32.53 8.83
C ASN B 272 20.50 33.06 8.21
N PRO B 273 19.38 33.00 8.95
CA PRO B 273 18.13 33.50 8.36
C PRO B 273 18.24 34.94 7.85
N LYS B 274 19.16 35.70 8.43
CA LYS B 274 19.33 37.10 8.06
C LYS B 274 20.38 37.33 6.99
N ALA B 275 20.77 36.25 6.32
CA ALA B 275 21.79 36.31 5.27
C ALA B 275 21.49 37.40 4.27
N GLN B 276 20.22 37.59 3.94
CA GLN B 276 19.88 38.60 2.95
C GLN B 276 20.48 39.97 3.21
N GLY B 277 20.50 40.37 4.48
CA GLY B 277 21.05 41.67 4.81
C GLY B 277 22.57 41.74 4.80
N LEU B 278 23.25 40.68 4.33
CA LEU B 278 24.71 40.69 4.30
C LEU B 278 25.26 40.71 2.89
N LEU B 279 24.37 40.66 1.90
CA LEU B 279 24.77 40.68 0.50
C LEU B 279 25.68 41.85 0.17
N ARG B 280 25.33 43.04 0.64
CA ARG B 280 26.14 44.22 0.39
C ARG B 280 26.48 44.37 -1.08
N GLY B 281 25.48 44.27 -1.95
CA GLY B 281 25.75 44.40 -3.37
C GLY B 281 25.90 43.09 -4.14
N LYS B 282 26.19 41.99 -3.45
CA LYS B 282 26.30 40.70 -4.14
C LYS B 282 24.87 40.43 -4.61
N HIS B 283 24.64 39.32 -5.31
CA HIS B 283 23.31 39.06 -5.82
C HIS B 283 22.65 37.79 -5.34
N SER B 284 23.28 37.10 -4.40
CA SER B 284 22.70 35.86 -3.87
C SER B 284 23.57 35.28 -2.78
N THR B 285 23.01 34.28 -2.10
CA THR B 285 23.70 33.58 -1.04
C THR B 285 24.09 32.20 -1.55
N LYS B 286 25.24 31.70 -1.11
CA LYS B 286 25.66 30.36 -1.48
C LYS B 286 26.12 29.62 -0.25
N GLY B 287 25.33 28.62 0.14
CA GLY B 287 25.69 27.79 1.28
C GLY B 287 26.76 26.85 0.76
N MET B 288 28.00 27.02 1.23
CA MET B 288 29.11 26.20 0.79
C MET B 288 29.02 24.76 1.29
N GLY B 289 28.80 23.85 0.34
CA GLY B 289 28.69 22.45 0.65
C GLY B 289 30.04 21.76 0.59
N LYS B 290 30.13 20.62 1.25
CA LYS B 290 31.35 19.83 1.31
C LYS B 290 31.56 19.01 0.03
N MET B 291 30.51 18.89 -0.76
CA MET B 291 30.57 18.14 -2.01
C MET B 291 29.75 18.77 -3.12
N ALA B 292 30.34 18.87 -4.31
CA ALA B 292 29.62 19.44 -5.44
C ALA B 292 30.31 19.21 -6.77
N PRO B 293 29.61 19.46 -7.88
CA PRO B 293 30.14 19.29 -9.22
C PRO B 293 31.49 19.98 -9.34
N SER B 294 32.31 19.53 -10.29
CA SER B 294 33.62 20.14 -10.50
C SER B 294 33.51 21.01 -11.72
N PRO B 295 34.02 22.26 -11.63
CA PRO B 295 33.97 23.18 -12.76
C PRO B 295 34.52 22.49 -14.01
N ALA B 296 35.56 21.68 -13.79
CA ALA B 296 36.21 20.96 -14.87
C ALA B 296 35.22 20.09 -15.67
N HIS B 297 34.04 19.85 -15.11
CA HIS B 297 33.06 19.02 -15.78
C HIS B 297 31.88 19.81 -16.30
N PHE B 298 31.90 21.12 -16.08
CA PHE B 298 30.80 21.96 -16.53
C PHE B 298 30.64 21.97 -18.03
N ILE B 299 29.40 22.15 -18.46
CA ILE B 299 29.06 22.22 -19.87
C ILE B 299 28.08 23.39 -19.99
N THR B 300 27.97 23.96 -21.19
CA THR B 300 27.07 25.08 -21.42
C THR B 300 25.87 24.65 -22.24
N LEU B 301 24.68 25.06 -21.84
CA LEU B 301 23.48 24.72 -22.58
C LEU B 301 22.61 25.94 -22.79
N ASN B 302 22.46 26.31 -24.05
CA ASN B 302 21.65 27.46 -24.42
C ASN B 302 21.94 28.68 -23.58
N GLY B 303 23.22 28.93 -23.32
CA GLY B 303 23.59 30.10 -22.54
C GLY B 303 23.68 29.98 -21.02
N SER B 304 23.42 28.80 -20.47
CA SER B 304 23.52 28.60 -19.03
C SER B 304 24.48 27.47 -18.70
N THR B 305 25.28 27.65 -17.66
CA THR B 305 26.24 26.63 -17.24
C THR B 305 25.51 25.49 -16.52
N VAL B 306 25.87 24.25 -16.87
CA VAL B 306 25.27 23.07 -16.27
C VAL B 306 26.32 22.36 -15.43
N PRO B 307 26.15 22.35 -14.10
CA PRO B 307 27.08 21.72 -13.18
C PRO B 307 26.90 20.20 -13.10
N LEU B 308 27.04 19.53 -14.23
CA LEU B 308 26.81 18.08 -14.23
C LEU B 308 27.92 17.19 -13.69
N GLY B 309 29.15 17.64 -13.80
CA GLY B 309 30.27 16.84 -13.35
C GLY B 309 29.99 16.06 -12.08
N PRO B 310 30.30 14.75 -12.03
CA PRO B 310 30.06 13.93 -10.84
C PRO B 310 30.52 14.67 -9.57
N ALA B 311 29.69 14.62 -8.54
CA ALA B 311 29.99 15.30 -7.29
C ALA B 311 31.36 14.92 -6.75
N SER B 312 32.13 15.92 -6.34
CA SER B 312 33.47 15.71 -5.83
C SER B 312 33.63 16.56 -4.58
N ASP B 313 34.69 16.31 -3.83
CA ASP B 313 34.92 17.07 -2.62
C ASP B 313 35.33 18.50 -2.97
N THR B 314 34.72 19.46 -2.28
CA THR B 314 34.98 20.87 -2.48
C THR B 314 36.14 21.38 -1.65
N GLY B 315 36.39 20.72 -0.53
CA GLY B 315 37.47 21.12 0.34
C GLY B 315 37.00 22.05 1.44
N ILE B 316 35.70 22.33 1.46
CA ILE B 316 35.12 23.21 2.45
C ILE B 316 34.92 22.53 3.79
N LEU B 317 35.25 23.26 4.85
CA LEU B 317 35.10 22.76 6.21
C LEU B 317 34.85 23.89 7.20
N ASN B 318 33.64 23.94 7.75
CA ASN B 318 33.26 24.94 8.73
C ASN B 318 33.87 24.51 10.06
N PRO B 319 34.89 25.26 10.54
CA PRO B 319 35.64 25.05 11.78
C PRO B 319 34.97 24.29 12.91
N GLU B 320 34.82 24.96 14.05
CA GLU B 320 34.21 24.34 15.22
C GLU B 320 32.69 24.28 15.12
N GLY B 321 32.20 23.99 13.91
CA GLY B 321 30.78 23.88 13.65
C GLY B 321 30.42 22.86 12.58
N TYR B 322 29.15 22.81 12.22
CA TYR B 322 28.65 21.88 11.22
C TYR B 322 28.98 22.34 9.80
N THR B 323 29.34 21.38 8.95
CA THR B 323 29.68 21.68 7.58
C THR B 323 28.57 21.12 6.70
N LEU B 324 28.06 21.94 5.78
CA LEU B 324 26.99 21.54 4.87
C LEU B 324 27.44 20.45 3.91
N ASN B 325 26.52 19.57 3.56
CA ASN B 325 26.86 18.49 2.66
C ASN B 325 26.97 18.97 1.21
N TYR B 326 25.87 19.52 0.73
CA TYR B 326 25.81 19.98 -0.63
C TYR B 326 25.49 21.45 -0.69
N ASN B 327 25.85 22.08 -1.81
CA ASN B 327 25.60 23.51 -1.97
C ASN B 327 24.15 23.88 -1.80
N GLU B 328 23.94 25.15 -1.45
CA GLU B 328 22.63 25.72 -1.26
C GLU B 328 22.66 27.08 -2.00
N PHE B 329 21.74 27.31 -2.93
CA PHE B 329 21.70 28.55 -3.69
C PHE B 329 20.42 29.36 -3.43
N ILE B 330 20.58 30.65 -3.16
CA ILE B 330 19.42 31.50 -2.87
C ILE B 330 19.47 32.86 -3.55
N VAL B 331 18.40 33.22 -4.24
CA VAL B 331 18.30 34.53 -4.86
C VAL B 331 17.09 35.16 -4.22
N TYR B 332 17.07 36.47 -4.07
CA TYR B 332 15.92 37.08 -3.39
C TYR B 332 14.99 37.86 -4.31
N SER B 333 15.17 37.71 -5.61
CA SER B 333 14.31 38.38 -6.58
C SER B 333 13.86 37.41 -7.67
N PRO B 334 12.55 37.36 -7.92
CA PRO B 334 12.05 36.46 -8.95
C PRO B 334 12.71 36.69 -10.30
N ASN B 335 13.03 37.94 -10.60
CA ASN B 335 13.65 38.27 -11.88
C ASN B 335 15.03 37.65 -12.06
N GLN B 336 15.47 36.88 -11.08
CA GLN B 336 16.77 36.22 -11.16
C GLN B 336 16.56 34.73 -11.48
N VAL B 337 15.33 34.41 -11.87
CA VAL B 337 14.94 33.05 -12.17
C VAL B 337 14.12 32.94 -13.44
N ARG B 338 14.35 31.86 -14.16
CA ARG B 338 13.61 31.61 -15.39
C ARG B 338 13.44 30.09 -15.55
N MET B 339 12.24 29.61 -15.27
CA MET B 339 11.96 28.19 -15.39
C MET B 339 12.19 27.72 -16.85
N ARG B 340 12.86 26.59 -17.00
CA ARG B 340 13.16 26.07 -18.31
C ARG B 340 12.58 24.69 -18.61
N TYR B 341 12.93 23.70 -17.79
CA TYR B 341 12.46 22.34 -17.98
C TYR B 341 11.83 21.76 -16.72
N LEU B 342 10.79 20.96 -16.90
CA LEU B 342 10.09 20.30 -15.80
C LEU B 342 10.20 18.79 -16.00
N LEU B 343 10.99 18.11 -15.16
CA LEU B 343 11.15 16.66 -15.30
C LEU B 343 10.09 15.81 -14.61
N LYS B 344 9.55 14.85 -15.35
CA LYS B 344 8.57 13.91 -14.79
C LYS B 344 9.43 12.77 -14.29
N ILE B 345 9.37 12.49 -13.00
CA ILE B 345 10.20 11.43 -12.46
C ILE B 345 9.48 10.31 -11.73
N GLN B 346 10.04 9.13 -11.88
CA GLN B 346 9.51 7.92 -11.27
C GLN B 346 10.50 7.47 -10.23
N PHE B 347 10.03 7.45 -9.00
CA PHE B 347 10.89 7.06 -7.90
C PHE B 347 10.88 5.55 -7.65
N ASN B 348 12.09 4.99 -7.70
CA ASN B 348 12.33 3.57 -7.51
C ASN B 348 12.88 3.36 -6.09
N PHE B 349 12.01 3.04 -5.15
CA PHE B 349 12.44 2.82 -3.78
C PHE B 349 12.93 1.38 -3.56
N LEU B 350 14.13 1.25 -3.01
CA LEU B 350 14.71 -0.06 -2.78
C LEU B 350 13.82 -0.89 -1.87
N GLN B 351 13.09 -1.83 -2.46
CA GLN B 351 12.18 -2.71 -1.74
C GLN B 351 11.99 -4.04 -2.46
#